data_6NS0
#
_entry.id   6NS0
#
_cell.length_a   96.580
_cell.length_b   57.510
_cell.length_c   139.550
_cell.angle_alpha   90.000
_cell.angle_beta   97.000
_cell.angle_gamma   90.000
#
_symmetry.space_group_name_H-M   'P 1 21 1'
#
loop_
_entity.id
_entity.type
_entity.pdbx_description
1 polymer 'Lysine--tRNA ligase'
2 non-polymer LYSINE
3 non-polymer cladosporin
4 non-polymer 'TETRAETHYLENE GLYCOL'
5 non-polymer 1,2-ETHANEDIOL
6 non-polymer DI(HYDROXYETHYL)ETHER
7 non-polymer 'SODIUM ION'
8 non-polymer 'CHLORIDE ION'
9 water water
#
_entity_poly.entity_id   1
_entity_poly.type   'polypeptide(L)'
_entity_poly.pdbx_seq_one_letter_code
;MAHHHHHHMSVEVEYLQHEDYLYRTSKLKEIRDLGINPYPYQYTDCLEVQEIRNQFVDNELGDSEAAFRKETPKVRFAGR
LVLFRSMGKNAFGQILDNDAKIQVMFNRDFSAVAGLAADAGISPIKFIEKKLDLGDILGLEGYLFFTHSGELTVLVETVT
LLCKSLISLPDKHAGLADKEIRYRKRWADLISSEDVRKTFLTRSRILKLIREYMDQQSFLEVETPILQTVYGGAEATPFV
TTLQALHAEMFLRISLEIALKKLLVGGMSRVYEIGKVFRNEGIDRTHNPEFTMIEAYAAYWDYNDVMKCVENLVEYIVRA
LNNGETQVQYSHLKSGPQVVDFKAPWIRMTMKESISVYGGVDVDLHADHELRKILETQTSLPEKTYVHASRGELIALLFD
ELVCDKLIAPHHITDHPLETTPLCKTLRSGDETLVERFESFCLGKELCNAYSELNDPLQQRKLLEEQMRKKALNPDSEYH
PIDEEFLEALCQGMPPAGGFGIGIDRLVMMLTDAASIRDVLFFPVMRRIEAKKD
;
_entity_poly.pdbx_strand_id   A,B
#
# COMPACT_ATOMS: atom_id res chain seq x y z
N GLU A 12 30.99 -16.26 3.09
CA GLU A 12 32.00 -16.08 4.13
C GLU A 12 31.87 -14.70 4.79
N VAL A 13 31.40 -14.69 6.04
CA VAL A 13 31.16 -13.44 6.76
C VAL A 13 32.47 -12.95 7.37
N GLU A 14 32.86 -11.72 7.01
CA GLU A 14 34.18 -11.23 7.37
C GLU A 14 34.27 -10.81 8.83
N TYR A 15 33.28 -10.05 9.31
CA TYR A 15 33.40 -9.41 10.63
C TYR A 15 33.52 -10.44 11.76
N LEU A 16 33.08 -11.69 11.54
CA LEU A 16 33.22 -12.72 12.56
C LEU A 16 34.67 -13.05 12.87
N GLN A 17 35.61 -12.52 12.09
CA GLN A 17 37.04 -12.74 12.32
C GLN A 17 37.79 -11.44 12.55
N HIS A 18 37.11 -10.31 12.68
CA HIS A 18 37.76 -9.03 12.89
C HIS A 18 37.99 -8.80 14.37
N GLU A 19 39.06 -8.06 14.69
CA GLU A 19 39.42 -7.84 16.08
C GLU A 19 38.26 -7.23 16.88
N ASP A 20 37.58 -6.24 16.30
CA ASP A 20 36.59 -5.49 17.07
C ASP A 20 35.39 -6.33 17.45
N TYR A 21 35.07 -7.35 16.65
CA TYR A 21 34.02 -8.29 17.03
C TYR A 21 34.47 -9.15 18.22
N LEU A 22 35.72 -9.61 18.22
CA LEU A 22 36.24 -10.28 19.41
C LEU A 22 36.23 -9.35 20.62
N TYR A 23 36.68 -8.12 20.43
CA TYR A 23 36.73 -7.17 21.55
C TYR A 23 35.33 -6.90 22.11
N ARG A 24 34.34 -6.75 21.23
CA ARG A 24 32.99 -6.45 21.68
C ARG A 24 32.31 -7.68 22.29
N THR A 25 32.40 -8.83 21.61
CA THR A 25 31.76 -10.03 22.16
C THR A 25 32.36 -10.43 23.50
N SER A 26 33.66 -10.18 23.70
CA SER A 26 34.29 -10.55 24.97
C SER A 26 33.63 -9.86 26.15
N LYS A 27 33.02 -8.70 25.93
CA LYS A 27 32.39 -7.99 27.04
C LYS A 27 31.08 -8.61 27.46
N LEU A 28 30.47 -9.45 26.61
CA LEU A 28 29.20 -10.08 26.94
C LEU A 28 29.29 -10.87 28.23
N LYS A 29 30.30 -11.75 28.35
CA LYS A 29 30.50 -12.50 29.59
C LYS A 29 30.75 -11.55 30.76
N GLU A 30 31.65 -10.58 30.58
CA GLU A 30 31.98 -9.66 31.67
C GLU A 30 30.74 -8.92 32.16
N ILE A 31 29.90 -8.47 31.22
CA ILE A 31 28.69 -7.73 31.59
C ILE A 31 27.70 -8.66 32.30
N ARG A 32 27.54 -9.89 31.81
CA ARG A 32 26.62 -10.82 32.44
C ARG A 32 27.13 -11.33 33.78
N ASP A 33 28.45 -11.48 33.92
CA ASP A 33 29.01 -11.85 35.22
C ASP A 33 28.71 -10.81 36.28
N LEU A 34 28.55 -9.55 35.89
CA LEU A 34 28.13 -8.49 36.80
C LEU A 34 26.62 -8.48 37.03
N GLY A 35 25.90 -9.50 36.57
CA GLY A 35 24.47 -9.57 36.75
C GLY A 35 23.65 -8.63 35.89
N ILE A 36 24.21 -8.11 34.80
CA ILE A 36 23.50 -7.19 33.92
C ILE A 36 23.12 -7.93 32.62
N ASN A 37 21.83 -7.96 32.32
CA ASN A 37 21.37 -8.50 31.05
C ASN A 37 21.68 -7.50 29.94
N PRO A 38 22.51 -7.86 28.95
CA PRO A 38 22.85 -6.90 27.89
C PRO A 38 21.81 -6.79 26.79
N TYR A 39 20.79 -7.64 26.79
CA TYR A 39 19.65 -7.52 25.86
C TYR A 39 18.36 -7.59 26.65
N PRO A 40 18.09 -6.60 27.51
CA PRO A 40 16.90 -6.62 28.35
C PRO A 40 15.62 -6.44 27.55
N TYR A 41 14.50 -6.61 28.25
CA TYR A 41 13.22 -6.80 27.60
C TYR A 41 12.52 -5.50 27.23
N GLN A 42 12.77 -4.40 27.95
CA GLN A 42 12.06 -3.16 27.65
C GLN A 42 12.79 -1.98 28.28
N TYR A 43 12.37 -0.78 27.87
CA TYR A 43 12.74 0.46 28.57
C TYR A 43 11.46 1.29 28.66
N THR A 44 10.77 1.18 29.79
CA THR A 44 9.42 1.71 29.92
C THR A 44 9.43 3.24 29.99
N ASP A 45 8.28 3.83 29.62
CA ASP A 45 8.00 5.26 29.84
C ASP A 45 9.13 6.12 29.28
N CYS A 46 9.43 5.89 28.01
CA CYS A 46 10.64 6.38 27.35
C CYS A 46 10.24 7.38 26.28
N LEU A 47 10.57 8.65 26.49
CA LEU A 47 10.25 9.70 25.53
C LEU A 47 11.23 9.69 24.35
N GLU A 48 10.75 10.17 23.20
CA GLU A 48 11.63 10.39 22.06
CA GLU A 48 11.64 10.39 22.07
C GLU A 48 12.47 11.64 22.31
N VAL A 49 13.73 11.60 21.85
CA VAL A 49 14.59 12.77 22.04
C VAL A 49 14.00 13.98 21.34
N GLN A 50 13.40 13.77 20.16
CA GLN A 50 12.77 14.88 19.44
C GLN A 50 11.68 15.52 20.29
N GLU A 51 10.90 14.72 21.00
CA GLU A 51 9.86 15.27 21.86
C GLU A 51 10.46 16.10 22.99
N ILE A 52 11.59 15.65 23.54
CA ILE A 52 12.22 16.39 24.63
C ILE A 52 12.75 17.73 24.14
N ARG A 53 13.33 17.77 22.94
CA ARG A 53 13.83 19.04 22.43
C ARG A 53 12.69 20.02 22.21
N ASN A 54 11.56 19.55 21.68
CA ASN A 54 10.44 20.44 21.40
C ASN A 54 9.87 21.06 22.67
N GLN A 55 9.94 20.35 23.79
CA GLN A 55 9.35 20.83 25.02
C GLN A 55 10.29 21.74 25.82
N PHE A 56 11.61 21.62 25.62
CA PHE A 56 12.56 22.34 26.46
C PHE A 56 13.67 23.10 25.73
N VAL A 57 13.76 23.00 24.39
CA VAL A 57 14.81 23.76 23.70
C VAL A 57 14.54 25.26 23.84
N ASP A 58 13.28 25.67 23.72
CA ASP A 58 12.88 27.06 23.94
C ASP A 58 12.55 27.35 25.39
N ASN A 59 12.92 26.47 26.31
CA ASN A 59 12.59 26.60 27.72
C ASN A 59 13.66 27.42 28.46
N GLU A 60 13.37 27.72 29.73
CA GLU A 60 14.31 28.44 30.58
C GLU A 60 14.93 27.42 31.54
N LEU A 61 15.83 26.61 30.99
CA LEU A 61 16.53 25.62 31.80
C LEU A 61 17.71 26.25 32.52
N GLY A 62 18.15 25.57 33.59
CA GLY A 62 19.30 26.00 34.36
C GLY A 62 20.58 25.34 33.89
N ASP A 63 21.65 25.59 34.65
CA ASP A 63 22.98 25.14 34.28
C ASP A 63 23.24 23.75 34.84
N SER A 64 24.49 23.28 34.73
CA SER A 64 24.82 21.93 35.21
C SER A 64 24.71 21.82 36.72
N GLU A 65 24.97 22.90 37.46
CA GLU A 65 24.90 22.82 38.92
C GLU A 65 23.45 22.66 39.39
N ALA A 66 22.51 23.30 38.70
CA ALA A 66 21.10 23.05 38.97
C ALA A 66 20.74 21.58 38.72
N ALA A 67 21.28 21.00 37.64
CA ALA A 67 21.03 19.58 37.35
C ALA A 67 21.64 18.70 38.41
N PHE A 68 22.85 19.03 38.88
CA PHE A 68 23.46 18.29 39.97
C PHE A 68 22.65 18.38 41.25
N ARG A 69 21.82 19.41 41.39
CA ARG A 69 20.92 19.53 42.53
C ARG A 69 19.56 18.90 42.26
N LYS A 70 19.42 18.24 41.11
CA LYS A 70 18.18 17.54 40.75
C LYS A 70 16.98 18.48 40.81
N GLU A 71 17.15 19.69 40.29
CA GLU A 71 16.10 20.70 40.29
C GLU A 71 15.53 20.99 38.92
N THR A 72 16.20 20.57 37.86
CA THR A 72 15.73 20.78 36.50
C THR A 72 14.82 19.63 36.09
N PRO A 73 14.18 19.70 34.92
CA PRO A 73 13.27 18.64 34.50
C PRO A 73 13.98 17.29 34.31
N LYS A 74 13.37 16.25 34.88
CA LYS A 74 13.88 14.89 34.79
C LYS A 74 13.21 14.17 33.61
N VAL A 75 14.02 13.49 32.80
CA VAL A 75 13.52 12.83 31.60
C VAL A 75 14.06 11.41 31.53
N ARG A 76 13.35 10.58 30.76
CA ARG A 76 13.79 9.25 30.37
C ARG A 76 13.74 9.19 28.85
N PHE A 77 14.82 8.69 28.25
CA PHE A 77 14.88 8.49 26.81
C PHE A 77 15.89 7.39 26.51
N ALA A 78 16.06 7.08 25.22
CA ALA A 78 16.94 6.00 24.80
C ALA A 78 17.48 6.29 23.40
N GLY A 79 18.56 5.62 23.05
CA GLY A 79 19.17 5.82 21.75
C GLY A 79 20.57 5.23 21.69
N ARG A 80 21.22 5.47 20.56
CA ARG A 80 22.52 4.90 20.27
C ARG A 80 23.63 5.85 20.68
N LEU A 81 24.63 5.34 21.40
CA LEU A 81 25.80 6.14 21.77
C LEU A 81 26.67 6.35 20.54
N VAL A 82 26.79 7.59 20.07
CA VAL A 82 27.50 7.87 18.83
C VAL A 82 28.69 8.79 19.03
N LEU A 83 28.87 9.36 20.21
CA LEU A 83 30.09 10.07 20.57
C LEU A 83 30.33 9.86 22.05
N PHE A 84 31.59 9.97 22.47
CA PHE A 84 31.93 9.76 23.88
C PHE A 84 33.36 10.22 24.15
N ARG A 85 33.55 10.85 25.30
CA ARG A 85 34.86 11.38 25.67
C ARG A 85 34.91 11.50 27.19
N SER A 86 35.82 10.76 27.82
CA SER A 86 35.94 10.87 29.28
C SER A 86 36.90 12.00 29.64
N MET A 87 36.52 12.76 30.67
CA MET A 87 37.39 13.77 31.24
C MET A 87 37.58 13.46 32.73
N GLY A 88 38.04 12.25 33.03
CA GLY A 88 38.31 11.88 34.41
C GLY A 88 37.07 11.62 35.24
N LYS A 89 36.69 12.57 36.08
CA LYS A 89 35.47 12.41 36.88
C LYS A 89 34.22 12.53 36.00
N ASN A 90 34.28 13.33 34.95
CA ASN A 90 33.14 13.55 34.08
C ASN A 90 33.36 12.91 32.72
N ALA A 91 32.26 12.53 32.07
CA ALA A 91 32.31 12.04 30.71
C ALA A 91 31.14 12.63 29.95
N PHE A 92 31.37 12.96 28.68
CA PHE A 92 30.35 13.52 27.83
C PHE A 92 30.17 12.66 26.58
N GLY A 93 28.93 12.52 26.16
CA GLY A 93 28.60 11.70 25.02
C GLY A 93 27.41 12.28 24.27
N GLN A 94 27.11 11.64 23.14
CA GLN A 94 26.01 12.03 22.26
C GLN A 94 25.13 10.81 22.03
N ILE A 95 23.83 11.00 22.19
CA ILE A 95 22.84 9.95 21.96
C ILE A 95 22.09 10.28 20.69
N LEU A 96 21.94 9.30 19.80
CA LEU A 96 21.21 9.45 18.55
C LEU A 96 19.91 8.69 18.65
N ASP A 97 18.78 9.39 18.46
CA ASP A 97 17.46 8.78 18.56
C ASP A 97 16.60 9.25 17.39
N ASN A 98 16.41 8.37 16.40
CA ASN A 98 15.48 8.59 15.29
C ASN A 98 15.68 10.00 14.70
N ASP A 99 16.90 10.25 14.25
CA ASP A 99 17.31 11.49 13.58
C ASP A 99 17.34 12.70 14.51
N ALA A 100 17.30 12.52 15.83
CA ALA A 100 17.57 13.61 16.76
C ALA A 100 18.68 13.21 17.70
N LYS A 101 19.53 14.18 18.08
CA LYS A 101 20.68 13.95 18.94
C LYS A 101 20.57 14.81 20.18
N ILE A 102 21.13 14.29 21.29
CA ILE A 102 21.21 15.07 22.52
C ILE A 102 22.50 14.66 23.23
N GLN A 103 23.12 15.63 23.89
CA GLN A 103 24.35 15.36 24.63
C GLN A 103 24.02 14.80 26.00
N VAL A 104 24.85 13.86 26.46
CA VAL A 104 24.72 13.35 27.80
C VAL A 104 26.00 13.65 28.59
N MET A 105 25.84 13.81 29.88
CA MET A 105 26.96 13.97 30.81
C MET A 105 26.89 12.87 31.86
N PHE A 106 28.00 12.18 32.05
CA PHE A 106 28.13 11.20 33.12
C PHE A 106 29.07 11.74 34.18
N ASN A 107 28.82 11.39 35.44
CA ASN A 107 29.66 11.83 36.54
C ASN A 107 29.92 10.67 37.49
N ARG A 108 31.18 10.57 37.94
CA ARG A 108 31.60 9.48 38.81
C ARG A 108 30.69 9.30 40.01
N ASP A 109 30.19 10.40 40.57
CA ASP A 109 29.44 10.36 41.82
C ASP A 109 27.93 10.43 41.63
N PHE A 110 27.46 10.95 40.50
CA PHE A 110 26.04 11.18 40.26
C PHE A 110 25.37 10.05 39.50
N SER A 111 26.11 9.34 38.65
CA SER A 111 25.55 8.41 37.68
C SER A 111 25.64 6.97 38.18
N ALA A 112 24.52 6.27 38.16
CA ALA A 112 24.46 4.85 38.48
C ALA A 112 24.22 4.05 37.19
N VAL A 113 24.67 2.80 37.20
CA VAL A 113 24.45 1.86 36.10
C VAL A 113 23.40 0.87 36.56
N ALA A 114 22.34 0.72 35.76
CA ALA A 114 21.26 -0.19 36.13
C ALA A 114 21.81 -1.60 36.29
N GLY A 115 21.56 -2.20 37.46
CA GLY A 115 21.97 -3.56 37.72
C GLY A 115 23.39 -3.75 38.21
N LEU A 116 24.17 -2.68 38.30
CA LEU A 116 25.54 -2.76 38.81
C LEU A 116 25.51 -2.59 40.32
N ALA A 117 25.78 -3.67 41.04
CA ALA A 117 25.74 -3.63 42.50
C ALA A 117 26.89 -2.79 43.05
N ALA A 118 26.64 -2.17 44.21
CA ALA A 118 27.69 -1.43 44.89
C ALA A 118 28.90 -2.32 45.17
N ASP A 119 28.66 -3.56 45.58
CA ASP A 119 29.75 -4.47 45.92
C ASP A 119 30.39 -5.12 44.70
N ALA A 120 30.09 -4.64 43.49
CA ALA A 120 30.72 -5.15 42.29
C ALA A 120 32.19 -4.74 42.25
N GLY A 121 32.94 -5.35 41.33
CA GLY A 121 34.35 -5.08 41.24
C GLY A 121 34.73 -3.90 40.37
N ILE A 122 33.77 -3.11 39.91
CA ILE A 122 34.02 -1.99 39.02
C ILE A 122 33.08 -0.85 39.41
N SER A 123 33.54 0.38 39.19
CA SER A 123 32.78 1.57 39.49
C SER A 123 31.83 1.89 38.33
N PRO A 124 30.70 2.53 38.63
CA PRO A 124 29.77 2.89 37.54
C PRO A 124 30.43 3.68 36.43
N ILE A 125 31.32 4.61 36.78
CA ILE A 125 31.95 5.45 35.78
C ILE A 125 32.95 4.65 34.95
N LYS A 126 33.65 3.70 35.58
CA LYS A 126 34.58 2.87 34.85
C LYS A 126 33.84 1.83 34.00
N PHE A 127 32.68 1.36 34.45
CA PHE A 127 31.83 0.54 33.61
C PHE A 127 31.48 1.26 32.32
N ILE A 128 31.08 2.54 32.44
CA ILE A 128 30.71 3.33 31.28
C ILE A 128 31.87 3.44 30.30
N GLU A 129 33.08 3.63 30.83
CA GLU A 129 34.24 3.82 29.97
C GLU A 129 34.67 2.51 29.33
N LYS A 130 34.65 1.42 30.10
CA LYS A 130 35.32 0.18 29.72
C LYS A 130 34.39 -0.90 29.19
N LYS A 131 33.14 -0.96 29.67
CA LYS A 131 32.21 -1.98 29.22
C LYS A 131 31.26 -1.52 28.13
N LEU A 132 31.03 -0.22 27.99
CA LEU A 132 30.22 0.31 26.92
C LEU A 132 31.09 0.70 25.72
N ASP A 133 30.46 0.80 24.57
CA ASP A 133 31.16 1.16 23.35
C ASP A 133 30.28 2.05 22.50
N LEU A 134 30.92 2.89 21.69
CA LEU A 134 30.22 3.57 20.62
C LEU A 134 29.47 2.53 19.81
N GLY A 135 28.16 2.76 19.65
CA GLY A 135 27.28 1.84 18.97
C GLY A 135 26.25 1.17 19.88
N ASP A 136 26.53 1.08 21.17
CA ASP A 136 25.58 0.48 22.09
C ASP A 136 24.32 1.34 22.20
N ILE A 137 23.20 0.69 22.42
CA ILE A 137 21.94 1.37 22.68
C ILE A 137 21.72 1.45 24.18
N LEU A 138 21.47 2.66 24.66
CA LEU A 138 21.42 2.97 26.08
C LEU A 138 20.06 3.55 26.44
N GLY A 139 19.61 3.27 27.65
CA GLY A 139 18.51 3.99 28.27
C GLY A 139 19.06 4.99 29.28
N LEU A 140 18.60 6.24 29.16
CA LEU A 140 19.12 7.36 29.93
C LEU A 140 18.02 7.96 30.80
N GLU A 141 18.28 8.08 32.10
CA GLU A 141 17.40 8.78 33.03
C GLU A 141 18.22 9.82 33.77
N GLY A 142 17.84 11.08 33.64
CA GLY A 142 18.60 12.15 34.24
C GLY A 142 17.91 13.48 34.10
N TYR A 143 18.67 14.55 34.35
CA TYR A 143 18.13 15.89 34.50
C TYR A 143 18.64 16.81 33.40
N LEU A 144 17.74 17.56 32.78
CA LEU A 144 18.09 18.45 31.68
C LEU A 144 18.86 19.67 32.17
N PHE A 145 19.63 20.26 31.27
CA PHE A 145 20.28 21.54 31.51
C PHE A 145 20.90 22.02 30.20
N PHE A 146 21.31 23.29 30.21
CA PHE A 146 22.03 23.90 29.10
C PHE A 146 23.50 24.03 29.47
N THR A 147 24.38 23.60 28.56
CA THR A 147 25.79 23.92 28.69
C THR A 147 25.98 25.43 28.57
N HIS A 148 27.21 25.89 28.83
CA HIS A 148 27.45 27.33 28.73
C HIS A 148 27.33 27.82 27.29
N SER A 149 27.59 26.96 26.31
CA SER A 149 27.44 27.31 24.91
C SER A 149 25.99 27.24 24.43
N GLY A 150 25.07 26.77 25.28
CA GLY A 150 23.68 26.67 24.90
C GLY A 150 23.24 25.32 24.36
N GLU A 151 24.07 24.29 24.47
CA GLU A 151 23.74 22.96 23.94
C GLU A 151 22.93 22.18 24.98
N LEU A 152 21.75 21.70 24.58
CA LEU A 152 20.89 20.95 25.48
C LEU A 152 21.54 19.62 25.87
N THR A 153 21.53 19.31 27.17
CA THR A 153 22.28 18.19 27.72
C THR A 153 21.53 17.56 28.88
N VAL A 154 21.78 16.27 29.12
CA VAL A 154 21.19 15.53 30.23
C VAL A 154 22.30 15.02 31.15
N LEU A 155 22.22 15.38 32.43
CA LEU A 155 23.08 14.80 33.45
C LEU A 155 22.49 13.45 33.86
N VAL A 156 23.19 12.37 33.53
CA VAL A 156 22.60 11.04 33.63
C VAL A 156 22.66 10.56 35.08
N GLU A 157 21.49 10.25 35.64
CA GLU A 157 21.38 9.68 36.97
C GLU A 157 21.50 8.17 36.95
N THR A 158 20.83 7.53 35.97
CA THR A 158 20.92 6.08 35.77
C THR A 158 21.04 5.82 34.28
N VAL A 159 22.12 5.15 33.87
CA VAL A 159 22.24 4.65 32.51
C VAL A 159 21.86 3.18 32.51
N THR A 160 21.15 2.75 31.46
CA THR A 160 20.76 1.36 31.30
C THR A 160 21.27 0.86 29.96
N LEU A 161 21.99 -0.26 29.98
CA LEU A 161 22.39 -0.92 28.74
C LEU A 161 21.17 -1.62 28.12
N LEU A 162 20.78 -1.19 26.93
CA LEU A 162 19.61 -1.77 26.27
C LEU A 162 19.98 -2.70 25.12
N CYS A 163 21.14 -2.52 24.51
CA CYS A 163 21.63 -3.47 23.51
C CYS A 163 23.14 -3.32 23.41
N LYS A 164 23.86 -4.42 23.59
CA LYS A 164 25.32 -4.46 23.41
C LYS A 164 25.61 -4.73 21.94
N SER A 165 26.11 -3.71 21.25
CA SER A 165 26.47 -3.86 19.83
C SER A 165 27.76 -4.65 19.70
N LEU A 166 27.78 -5.57 18.74
CA LEU A 166 28.92 -6.46 18.55
C LEU A 166 29.83 -6.03 17.41
N ILE A 167 29.46 -4.99 16.65
CA ILE A 167 30.33 -4.38 15.66
C ILE A 167 30.31 -2.87 15.88
N SER A 168 31.29 -2.20 15.29
CA SER A 168 31.46 -0.77 15.53
C SER A 168 30.48 0.07 14.71
N LEU A 169 30.45 1.36 15.00
CA LEU A 169 29.69 2.29 14.19
C LEU A 169 30.26 2.32 12.78
N PRO A 170 29.41 2.52 11.77
CA PRO A 170 29.91 2.59 10.40
C PRO A 170 30.92 3.71 10.22
N ASP A 171 31.86 3.48 9.30
CA ASP A 171 32.96 4.41 9.05
C ASP A 171 32.46 5.65 8.32
N LYS A 172 33.21 6.75 8.48
CA LYS A 172 32.84 8.02 7.87
C LYS A 172 33.30 8.12 6.42
N HIS A 173 34.49 7.59 6.11
CA HIS A 173 35.05 7.63 4.77
C HIS A 173 34.46 6.49 3.94
N ALA A 174 33.69 6.82 2.92
CA ALA A 174 33.04 5.84 2.07
C ALA A 174 33.45 6.07 0.62
N GLY A 175 34.04 5.07 -0.01
CA GLY A 175 34.27 5.08 -1.44
C GLY A 175 33.00 4.77 -2.20
N LEU A 176 33.15 4.22 -3.40
CA LEU A 176 31.98 3.71 -4.10
C LEU A 176 31.52 2.40 -3.49
N ALA A 177 32.47 1.49 -3.24
CA ALA A 177 32.13 0.17 -2.70
C ALA A 177 31.56 0.27 -1.30
N ASP A 178 31.99 1.25 -0.51
CA ASP A 178 31.46 1.40 0.85
C ASP A 178 30.05 1.97 0.82
N LYS A 179 29.76 2.89 -0.11
CA LYS A 179 28.39 3.35 -0.28
C LYS A 179 27.55 2.34 -1.05
N GLU A 180 28.15 1.59 -1.98
CA GLU A 180 27.40 0.54 -2.67
C GLU A 180 26.93 -0.52 -1.68
N ILE A 181 27.79 -0.92 -0.74
CA ILE A 181 27.38 -1.89 0.27
C ILE A 181 26.25 -1.32 1.12
N ARG A 182 26.25 -0.01 1.34
CA ARG A 182 25.21 0.58 2.16
C ARG A 182 23.84 0.60 1.48
N TYR A 183 23.78 0.52 0.15
CA TYR A 183 22.48 0.31 -0.49
C TYR A 183 21.88 -1.03 -0.09
N ARG A 184 22.73 -2.00 0.26
CA ARG A 184 22.30 -3.29 0.78
C ARG A 184 22.21 -3.24 2.32
N LYS A 185 23.32 -2.89 2.98
CA LYS A 185 23.37 -2.72 4.43
C LYS A 185 22.85 -1.32 4.81
N ARG A 186 21.54 -1.14 4.61
CA ARG A 186 20.93 0.18 4.70
C ARG A 186 20.87 0.68 6.15
N TRP A 187 20.80 -0.23 7.13
CA TRP A 187 20.84 0.20 8.52
C TRP A 187 22.13 0.95 8.82
N ALA A 188 23.26 0.50 8.28
CA ALA A 188 24.50 1.25 8.43
C ALA A 188 24.38 2.65 7.83
N ASP A 189 23.76 2.74 6.64
CA ASP A 189 23.57 4.04 6.00
C ASP A 189 22.72 4.96 6.88
N LEU A 190 21.64 4.43 7.45
CA LEU A 190 20.75 5.25 8.26
C LEU A 190 21.45 5.78 9.51
N ILE A 191 22.27 4.95 10.15
CA ILE A 191 22.94 5.39 11.37
C ILE A 191 23.91 6.53 11.10
N SER A 192 24.61 6.48 9.95
CA SER A 192 25.71 7.40 9.72
C SER A 192 25.34 8.66 8.93
N SER A 193 24.25 8.67 8.18
CA SER A 193 23.96 9.81 7.29
C SER A 193 22.63 10.47 7.65
N GLU A 194 22.72 11.72 8.12
CA GLU A 194 21.54 12.51 8.41
C GLU A 194 20.70 12.74 7.15
N ASP A 195 21.36 12.93 6.00
CA ASP A 195 20.63 13.19 4.77
C ASP A 195 19.81 11.98 4.35
N VAL A 196 20.39 10.78 4.48
CA VAL A 196 19.66 9.57 4.16
C VAL A 196 18.43 9.44 5.05
N ARG A 197 18.61 9.64 6.36
CA ARG A 197 17.47 9.59 7.27
C ARG A 197 16.39 10.60 6.87
N LYS A 198 16.79 11.83 6.53
CA LYS A 198 15.79 12.82 6.18
C LYS A 198 15.10 12.49 4.86
N THR A 199 15.84 11.93 3.90
CA THR A 199 15.22 11.54 2.64
C THR A 199 14.07 10.59 2.88
N PHE A 200 14.28 9.61 3.75
CA PHE A 200 13.25 8.59 3.97
C PHE A 200 12.15 9.09 4.88
N LEU A 201 12.45 9.96 5.85
CA LEU A 201 11.37 10.61 6.57
C LEU A 201 10.52 11.44 5.63
N THR A 202 11.15 12.17 4.71
CA THR A 202 10.39 12.95 3.73
C THR A 202 9.54 12.03 2.84
N ARG A 203 10.07 10.86 2.48
CA ARG A 203 9.28 9.97 1.62
C ARG A 203 7.98 9.60 2.29
N SER A 204 8.04 9.23 3.58
CA SER A 204 6.81 8.84 4.28
C SER A 204 5.84 9.99 4.35
N ARG A 205 6.36 11.21 4.51
CA ARG A 205 5.50 12.39 4.53
C ARG A 205 4.78 12.56 3.19
N ILE A 206 5.50 12.38 2.09
CA ILE A 206 4.92 12.52 0.74
C ILE A 206 3.77 11.55 0.54
N LEU A 207 3.96 10.29 0.92
CA LEU A 207 2.90 9.31 0.80
C LEU A 207 1.67 9.73 1.59
N LYS A 208 1.89 10.28 2.80
CA LYS A 208 0.77 10.71 3.62
C LYS A 208 0.06 11.91 3.01
N LEU A 209 0.82 12.78 2.34
CA LEU A 209 0.22 13.96 1.72
C LEU A 209 -0.57 13.58 0.46
N ILE A 210 -0.07 12.61 -0.30
CA ILE A 210 -0.82 12.11 -1.45
C ILE A 210 -2.19 11.60 -1.00
N ARG A 211 -2.20 10.71 0.01
CA ARG A 211 -3.48 10.21 0.52
C ARG A 211 -4.39 11.34 1.00
N GLU A 212 -3.82 12.33 1.71
CA GLU A 212 -4.65 13.40 2.23
C GLU A 212 -5.30 14.19 1.10
N TYR A 213 -4.53 14.48 0.05
CA TYR A 213 -5.08 15.18 -1.10
C TYR A 213 -6.12 14.35 -1.83
N MET A 214 -5.82 13.08 -2.10
CA MET A 214 -6.77 12.25 -2.84
C MET A 214 -8.06 12.05 -2.07
N ASP A 215 -7.96 11.85 -0.75
CA ASP A 215 -9.17 11.68 0.05
C ASP A 215 -10.01 12.95 0.02
N GLN A 216 -9.34 14.11 0.05
CA GLN A 216 -10.05 15.39 0.02
C GLN A 216 -10.83 15.57 -1.29
N GLN A 217 -10.33 15.01 -2.40
CA GLN A 217 -11.06 15.03 -3.66
C GLN A 217 -12.11 13.92 -3.76
N SER A 218 -12.44 13.26 -2.64
CA SER A 218 -13.41 12.18 -2.60
C SER A 218 -12.99 10.96 -3.41
N PHE A 219 -11.69 10.73 -3.61
CA PHE A 219 -11.25 9.45 -4.18
C PHE A 219 -11.18 8.39 -3.08
N LEU A 220 -11.71 7.20 -3.35
CA LEU A 220 -11.64 6.12 -2.38
C LEU A 220 -10.39 5.28 -2.64
N GLU A 221 -9.60 5.04 -1.58
CA GLU A 221 -8.43 4.16 -1.72
C GLU A 221 -8.85 2.70 -1.66
N VAL A 222 -8.42 1.92 -2.67
CA VAL A 222 -8.69 0.50 -2.76
C VAL A 222 -7.38 -0.29 -2.91
N GLU A 223 -7.50 -1.61 -2.82
CA GLU A 223 -6.43 -2.55 -3.16
C GLU A 223 -6.93 -3.52 -4.22
N THR A 224 -6.08 -3.81 -5.21
CA THR A 224 -6.36 -4.81 -6.22
C THR A 224 -5.15 -5.74 -6.35
N PRO A 225 -5.33 -6.93 -6.92
CA PRO A 225 -4.30 -7.96 -6.76
C PRO A 225 -3.06 -7.71 -7.59
N ILE A 226 -1.91 -8.03 -6.98
CA ILE A 226 -0.64 -8.12 -7.71
C ILE A 226 -0.58 -9.38 -8.57
N LEU A 227 -1.00 -10.53 -8.05
CA LEU A 227 -0.89 -11.79 -8.77
C LEU A 227 -2.15 -12.00 -9.61
N GLN A 228 -1.99 -12.09 -10.93
CA GLN A 228 -3.11 -12.24 -11.85
C GLN A 228 -2.76 -13.23 -12.95
N THR A 229 -3.81 -13.75 -13.62
CA THR A 229 -3.62 -14.61 -14.78
C THR A 229 -3.27 -13.84 -16.05
N VAL A 230 -3.28 -12.51 -16.00
CA VAL A 230 -2.97 -11.68 -17.15
C VAL A 230 -2.06 -10.56 -16.68
N TYR A 231 -1.57 -9.78 -17.65
CA TYR A 231 -0.85 -8.55 -17.37
C TYR A 231 -1.20 -7.55 -18.46
N GLY A 232 -1.11 -6.27 -18.14
CA GLY A 232 -1.44 -5.25 -19.11
C GLY A 232 -1.43 -3.86 -18.51
N GLY A 233 -1.87 -2.91 -19.33
CA GLY A 233 -1.95 -1.52 -18.89
C GLY A 233 -0.65 -0.76 -19.03
N ALA A 234 0.38 -1.37 -19.63
CA ALA A 234 1.64 -0.72 -19.94
C ALA A 234 2.40 -1.65 -20.88
N GLU A 235 3.51 -1.15 -21.41
CA GLU A 235 4.41 -1.94 -22.23
C GLU A 235 5.61 -2.33 -21.37
N ALA A 236 5.68 -3.60 -20.96
CA ALA A 236 6.80 -4.07 -20.14
C ALA A 236 6.77 -5.59 -20.06
N THR A 237 7.95 -6.19 -19.99
CA THR A 237 8.04 -7.59 -19.68
C THR A 237 7.58 -7.84 -18.25
N PRO A 238 6.70 -8.80 -18.02
CA PRO A 238 6.25 -9.07 -16.65
C PRO A 238 7.16 -10.07 -15.95
N PHE A 239 7.00 -10.14 -14.63
CA PHE A 239 7.49 -11.26 -13.85
C PHE A 239 6.45 -12.38 -13.87
N VAL A 240 6.95 -13.62 -13.84
CA VAL A 240 6.10 -14.80 -13.86
C VAL A 240 6.39 -15.64 -12.62
N THR A 241 5.34 -16.21 -12.03
CA THR A 241 5.47 -17.11 -10.89
C THR A 241 4.43 -18.21 -11.03
N THR A 242 4.51 -19.19 -10.13
CA THR A 242 3.65 -20.37 -10.15
C THR A 242 2.86 -20.48 -8.85
N LEU A 243 1.55 -20.62 -8.97
CA LEU A 243 0.67 -20.81 -7.83
C LEU A 243 0.42 -22.31 -7.69
N GLN A 244 0.99 -22.90 -6.62
CA GLN A 244 1.02 -24.35 -6.49
C GLN A 244 -0.38 -24.96 -6.37
N ALA A 245 -1.28 -24.27 -5.66
CA ALA A 245 -2.57 -24.86 -5.34
C ALA A 245 -3.42 -25.11 -6.59
N LEU A 246 -3.19 -24.37 -7.66
CA LEU A 246 -3.90 -24.56 -8.92
C LEU A 246 -3.00 -25.02 -10.05
N HIS A 247 -1.72 -25.30 -9.79
CA HIS A 247 -0.76 -25.63 -10.83
C HIS A 247 -0.84 -24.63 -11.99
N ALA A 248 -0.82 -23.34 -11.64
CA ALA A 248 -1.12 -22.28 -12.58
C ALA A 248 0.00 -21.26 -12.64
N GLU A 249 0.37 -20.86 -13.84
CA GLU A 249 1.29 -19.75 -14.03
C GLU A 249 0.57 -18.44 -13.73
N MET A 250 1.22 -17.56 -12.96
CA MET A 250 0.67 -16.24 -12.67
C MET A 250 1.65 -15.16 -13.10
N PHE A 251 1.12 -13.96 -13.36
CA PHE A 251 1.95 -12.79 -13.62
C PHE A 251 1.84 -11.82 -12.45
N LEU A 252 2.95 -11.16 -12.13
CA LEU A 252 2.89 -9.98 -11.28
C LEU A 252 2.47 -8.78 -12.12
N ARG A 253 1.61 -7.93 -11.57
CA ARG A 253 1.06 -6.85 -12.37
C ARG A 253 2.15 -5.85 -12.77
N ILE A 254 2.00 -5.31 -13.97
CA ILE A 254 2.88 -4.25 -14.44
C ILE A 254 2.23 -2.87 -14.30
N SER A 255 0.95 -2.81 -13.94
CA SER A 255 0.27 -1.55 -13.66
C SER A 255 -1.00 -1.87 -12.90
N LEU A 256 -1.77 -0.81 -12.59
CA LEU A 256 -3.01 -0.93 -11.82
C LEU A 256 -4.26 -0.77 -12.68
N GLU A 257 -4.11 -0.46 -13.97
CA GLU A 257 -5.15 0.21 -14.74
C GLU A 257 -6.40 -0.67 -14.95
N ILE A 258 -6.22 -1.90 -15.41
CA ILE A 258 -7.37 -2.70 -15.82
C ILE A 258 -8.27 -2.97 -14.61
N ALA A 259 -7.67 -3.28 -13.46
CA ALA A 259 -8.46 -3.59 -12.29
C ALA A 259 -9.27 -2.38 -11.83
N LEU A 260 -8.65 -1.20 -11.84
CA LEU A 260 -9.38 -0.03 -11.37
C LEU A 260 -10.50 0.34 -12.33
N LYS A 261 -10.27 0.18 -13.64
CA LYS A 261 -11.32 0.43 -14.61
C LYS A 261 -12.54 -0.46 -14.34
N LYS A 262 -12.30 -1.72 -13.99
CA LYS A 262 -13.40 -2.61 -13.64
C LYS A 262 -14.17 -2.08 -12.45
N LEU A 263 -13.49 -1.42 -11.51
CA LEU A 263 -14.23 -0.84 -10.40
C LEU A 263 -15.08 0.34 -10.84
N LEU A 264 -14.64 1.09 -11.87
CA LEU A 264 -15.49 2.17 -12.40
C LEU A 264 -16.73 1.59 -13.04
N VAL A 265 -16.56 0.49 -13.80
CA VAL A 265 -17.72 -0.21 -14.32
C VAL A 265 -18.63 -0.58 -13.17
N GLY A 266 -18.04 -1.02 -12.05
CA GLY A 266 -18.80 -1.37 -10.85
C GLY A 266 -19.55 -0.20 -10.21
N GLY A 267 -19.29 1.04 -10.62
CA GLY A 267 -20.04 2.16 -10.09
C GLY A 267 -19.31 3.00 -9.07
N MET A 268 -18.06 2.66 -8.75
CA MET A 268 -17.26 3.50 -7.88
C MET A 268 -16.77 4.69 -8.68
N SER A 269 -17.21 5.89 -8.28
CA SER A 269 -16.96 7.06 -9.12
C SER A 269 -15.49 7.46 -9.13
N ARG A 270 -14.82 7.41 -7.98
CA ARG A 270 -13.46 7.90 -7.87
C ARG A 270 -12.66 6.92 -7.02
N VAL A 271 -11.67 6.28 -7.63
CA VAL A 271 -10.86 5.29 -6.93
C VAL A 271 -9.39 5.60 -7.22
N TYR A 272 -8.55 5.25 -6.24
CA TYR A 272 -7.13 5.23 -6.46
C TYR A 272 -6.51 4.09 -5.69
N GLU A 273 -5.29 3.77 -6.08
CA GLU A 273 -4.51 2.76 -5.42
C GLU A 273 -3.06 3.23 -5.46
N ILE A 274 -2.39 3.07 -4.34
CA ILE A 274 -0.95 3.26 -4.25
C ILE A 274 -0.36 1.89 -3.99
N GLY A 275 0.35 1.34 -4.96
CA GLY A 275 0.80 -0.03 -4.75
C GLY A 275 2.01 -0.37 -5.59
N LYS A 276 2.60 -1.51 -5.25
CA LYS A 276 3.75 -1.99 -5.98
C LYS A 276 3.34 -2.59 -7.32
N VAL A 277 4.09 -2.22 -8.36
CA VAL A 277 4.02 -2.85 -9.67
C VAL A 277 5.42 -3.36 -9.99
N PHE A 278 5.48 -4.26 -10.97
CA PHE A 278 6.70 -5.02 -11.22
C PHE A 278 6.93 -5.10 -12.72
N ARG A 279 8.08 -4.60 -13.16
CA ARG A 279 8.44 -4.63 -14.57
C ARG A 279 9.82 -5.28 -14.70
N ASN A 280 9.86 -6.42 -15.39
CA ASN A 280 11.05 -7.26 -15.44
C ASN A 280 12.06 -6.66 -16.42
N GLU A 281 12.51 -5.44 -16.12
CA GLU A 281 13.30 -4.66 -17.07
C GLU A 281 14.67 -4.29 -16.49
N GLY A 282 15.29 -3.25 -17.04
CA GLY A 282 16.63 -2.89 -16.64
C GLY A 282 16.69 -2.13 -15.32
N ILE A 283 17.90 -2.06 -14.78
CA ILE A 283 18.18 -1.35 -13.54
C ILE A 283 19.05 -0.15 -13.86
N ASP A 284 18.63 1.04 -13.43
CA ASP A 284 19.46 2.23 -13.54
C ASP A 284 18.92 3.34 -12.63
N ARG A 285 19.36 4.58 -12.87
CA ARG A 285 19.09 5.70 -11.97
C ARG A 285 17.60 5.97 -11.82
N THR A 286 16.79 5.59 -12.79
CA THR A 286 15.36 5.87 -12.72
C THR A 286 14.52 4.60 -12.91
N HIS A 287 15.14 3.42 -12.77
CA HIS A 287 14.41 2.16 -12.92
C HIS A 287 14.82 1.19 -11.83
N ASN A 288 13.86 0.82 -10.98
CA ASN A 288 13.96 -0.33 -10.11
C ASN A 288 12.85 -1.30 -10.49
N PRO A 289 13.16 -2.59 -10.70
CA PRO A 289 12.11 -3.53 -11.19
C PRO A 289 10.85 -3.55 -10.34
N GLU A 290 10.96 -3.37 -9.03
CA GLU A 290 9.81 -3.17 -8.16
C GLU A 290 9.74 -1.68 -7.81
N PHE A 291 8.59 -1.06 -8.07
CA PHE A 291 8.44 0.37 -7.79
C PHE A 291 6.98 0.67 -7.46
N THR A 292 6.76 1.86 -6.93
CA THR A 292 5.47 2.24 -6.38
C THR A 292 4.78 3.22 -7.30
N MET A 293 3.53 2.94 -7.64
CA MET A 293 2.73 3.80 -8.48
C MET A 293 1.50 4.25 -7.72
N ILE A 294 1.02 5.45 -8.01
CA ILE A 294 -0.38 5.76 -7.75
C ILE A 294 -1.09 5.77 -9.10
N GLU A 295 -2.24 5.08 -9.17
CA GLU A 295 -3.17 5.27 -10.27
C GLU A 295 -4.51 5.68 -9.68
N ALA A 296 -5.14 6.64 -10.34
CA ALA A 296 -6.39 7.23 -9.86
C ALA A 296 -7.32 7.43 -11.06
N TYR A 297 -8.61 7.17 -10.87
CA TYR A 297 -9.59 7.28 -11.94
C TYR A 297 -10.82 8.01 -11.44
N ALA A 298 -11.33 8.93 -12.24
CA ALA A 298 -12.50 9.74 -11.87
C ALA A 298 -13.51 9.68 -13.01
N ALA A 299 -14.67 9.10 -12.73
CA ALA A 299 -15.75 9.12 -13.71
C ALA A 299 -16.11 10.55 -14.05
N TYR A 300 -16.42 10.78 -15.33
CA TYR A 300 -16.98 12.01 -15.91
C TYR A 300 -15.91 13.08 -16.12
N TRP A 301 -14.66 12.84 -15.77
CA TRP A 301 -13.51 13.68 -16.10
C TRP A 301 -12.91 13.29 -17.46
N ASP A 302 -12.18 14.23 -18.05
CA ASP A 302 -11.32 13.95 -19.20
C ASP A 302 -9.88 14.32 -18.84
N TYR A 303 -8.99 14.28 -19.83
CA TYR A 303 -7.57 14.47 -19.50
C TYR A 303 -7.25 15.90 -19.06
N ASN A 304 -8.06 16.90 -19.45
CA ASN A 304 -7.85 18.25 -18.93
C ASN A 304 -8.19 18.34 -17.45
N ASP A 305 -9.30 17.69 -17.02
CA ASP A 305 -9.58 17.63 -15.59
C ASP A 305 -8.43 16.96 -14.85
N VAL A 306 -7.93 15.84 -15.39
CA VAL A 306 -6.85 15.09 -14.75
C VAL A 306 -5.60 15.95 -14.65
N MET A 307 -5.32 16.72 -15.70
CA MET A 307 -4.13 17.57 -15.73
C MET A 307 -4.13 18.55 -14.58
N LYS A 308 -5.28 19.19 -14.32
CA LYS A 308 -5.38 20.09 -13.19
C LYS A 308 -5.18 19.32 -11.89
N CYS A 309 -5.80 18.14 -11.79
CA CYS A 309 -5.67 17.36 -10.57
C CYS A 309 -4.22 16.98 -10.31
N VAL A 310 -3.48 16.60 -11.35
CA VAL A 310 -2.10 16.15 -11.17
C VAL A 310 -1.22 17.30 -10.71
N GLU A 311 -1.26 18.45 -11.41
CA GLU A 311 -0.36 19.53 -11.02
C GLU A 311 -0.74 20.11 -9.68
N ASN A 312 -2.03 20.14 -9.37
CA ASN A 312 -2.47 20.63 -8.05
C ASN A 312 -2.01 19.69 -6.95
N LEU A 313 -2.08 18.38 -7.20
CA LEU A 313 -1.60 17.39 -6.23
C LEU A 313 -0.13 17.64 -5.90
N VAL A 314 0.71 17.80 -6.92
CA VAL A 314 2.14 17.94 -6.69
C VAL A 314 2.46 19.29 -6.04
N GLU A 315 1.76 20.35 -6.46
CA GLU A 315 1.96 21.66 -5.84
C GLU A 315 1.63 21.62 -4.35
N TYR A 316 0.55 20.92 -4.00
CA TYR A 316 0.18 20.74 -2.61
C TYR A 316 1.30 20.06 -1.82
N ILE A 317 1.83 18.97 -2.36
CA ILE A 317 2.92 18.26 -1.69
C ILE A 317 4.13 19.18 -1.51
N VAL A 318 4.50 19.90 -2.58
CA VAL A 318 5.70 20.73 -2.52
C VAL A 318 5.54 21.84 -1.49
N ARG A 319 4.38 22.49 -1.46
CA ARG A 319 4.18 23.57 -0.49
C ARG A 319 4.20 23.03 0.94
N ALA A 320 3.61 21.84 1.14
CA ALA A 320 3.54 21.28 2.50
C ALA A 320 4.92 20.89 3.01
N LEU A 321 5.85 20.57 2.12
CA LEU A 321 7.20 20.23 2.56
C LEU A 321 8.13 21.42 2.63
N ASN A 322 7.79 22.55 2.02
CA ASN A 322 8.76 23.60 1.82
C ASN A 322 8.21 24.94 2.29
N ASN A 323 7.44 24.91 3.38
CA ASN A 323 6.86 26.09 4.03
C ASN A 323 6.15 27.00 3.04
N GLY A 324 5.33 26.39 2.19
CA GLY A 324 4.54 27.14 1.23
C GLY A 324 5.25 27.52 -0.04
N GLU A 325 6.54 27.25 -0.17
CA GLU A 325 7.25 27.53 -1.41
C GLU A 325 6.98 26.41 -2.42
N THR A 326 7.06 26.78 -3.71
CA THR A 326 6.84 25.85 -4.81
C THR A 326 8.11 25.53 -5.59
N GLN A 327 9.22 26.18 -5.28
CA GLN A 327 10.49 25.96 -5.97
C GLN A 327 11.36 25.00 -5.19
N VAL A 328 12.10 24.16 -5.91
CA VAL A 328 12.89 23.07 -5.34
C VAL A 328 14.22 23.03 -6.07
N GLN A 329 15.30 22.83 -5.33
CA GLN A 329 16.62 22.68 -5.94
C GLN A 329 16.87 21.21 -6.27
N TYR A 330 17.45 20.94 -7.44
CA TYR A 330 17.87 19.60 -7.81
C TYR A 330 19.27 19.67 -8.40
N SER A 331 20.18 18.84 -7.86
CA SER A 331 21.61 19.02 -8.03
C SER A 331 22.25 18.12 -9.08
N HIS A 332 21.56 17.12 -9.60
CA HIS A 332 22.26 15.96 -10.15
C HIS A 332 22.18 15.85 -11.66
N LEU A 333 21.64 16.84 -12.37
CA LEU A 333 21.60 16.74 -13.82
C LEU A 333 22.97 17.12 -14.41
N LYS A 334 23.28 16.51 -15.56
CA LYS A 334 24.56 16.78 -16.21
C LYS A 334 24.72 18.24 -16.62
N SER A 335 23.63 18.99 -16.71
CA SER A 335 23.66 20.39 -17.07
C SER A 335 23.92 21.32 -15.90
N GLY A 336 24.14 20.79 -14.70
CA GLY A 336 24.36 21.60 -13.53
C GLY A 336 23.13 21.74 -12.67
N PRO A 337 23.31 22.27 -11.46
CA PRO A 337 22.17 22.41 -10.54
C PRO A 337 21.07 23.28 -11.13
N GLN A 338 19.84 22.80 -11.05
CA GLN A 338 18.66 23.54 -11.47
C GLN A 338 17.83 23.92 -10.26
N VAL A 339 16.99 24.94 -10.45
CA VAL A 339 15.83 25.19 -9.61
C VAL A 339 14.60 24.93 -10.48
N VAL A 340 13.66 24.15 -9.97
CA VAL A 340 12.42 23.89 -10.69
C VAL A 340 11.26 24.40 -9.85
N ASP A 341 10.25 24.97 -10.52
CA ASP A 341 9.07 25.51 -9.88
C ASP A 341 7.86 24.64 -10.21
N PHE A 342 7.26 24.03 -9.17
CA PHE A 342 6.09 23.19 -9.32
C PHE A 342 4.77 23.96 -9.23
N LYS A 343 4.84 25.29 -9.17
CA LYS A 343 3.65 26.13 -9.20
C LYS A 343 2.73 25.75 -10.36
N ALA A 344 1.41 25.53 -10.05
CA ALA A 344 0.39 25.30 -11.06
C ALA A 344 -0.12 26.63 -11.62
N PRO A 345 -0.50 26.67 -12.91
CA PRO A 345 -0.51 25.56 -13.89
C PRO A 345 0.88 25.28 -14.46
N TRP A 346 1.17 24.02 -14.78
CA TRP A 346 2.44 23.74 -15.41
C TRP A 346 2.40 24.12 -16.89
N ILE A 347 3.59 24.23 -17.49
CA ILE A 347 3.68 24.42 -18.94
C ILE A 347 2.93 23.30 -19.65
N ARG A 348 2.10 23.66 -20.62
CA ARG A 348 1.31 22.70 -21.38
C ARG A 348 1.63 22.84 -22.85
N MET A 349 1.97 21.73 -23.51
CA MET A 349 2.34 21.73 -24.93
C MET A 349 1.89 20.43 -25.58
N THR A 350 1.44 20.50 -26.83
CA THR A 350 1.27 19.26 -27.56
C THR A 350 2.62 18.66 -27.90
N MET A 351 2.61 17.38 -28.29
CA MET A 351 3.87 16.74 -28.66
C MET A 351 4.47 17.38 -29.90
N LYS A 352 3.65 17.68 -30.93
CA LYS A 352 4.18 18.36 -32.11
C LYS A 352 4.74 19.74 -31.74
N GLU A 353 4.06 20.48 -30.86
CA GLU A 353 4.59 21.78 -30.43
C GLU A 353 5.95 21.62 -29.77
N SER A 354 6.07 20.66 -28.85
CA SER A 354 7.33 20.47 -28.15
C SER A 354 8.46 20.10 -29.10
N ILE A 355 8.13 19.35 -30.15
CA ILE A 355 9.14 18.99 -31.15
C ILE A 355 9.59 20.23 -31.92
N SER A 356 8.70 21.19 -32.14
CA SER A 356 9.11 22.45 -32.77
C SER A 356 9.91 23.30 -31.79
N VAL A 357 9.37 23.52 -30.58
CA VAL A 357 9.99 24.45 -29.64
C VAL A 357 11.37 23.95 -29.21
N TYR A 358 11.45 22.67 -28.84
CA TYR A 358 12.68 22.11 -28.29
C TYR A 358 13.49 21.32 -29.30
N GLY A 359 12.87 20.78 -30.35
CA GLY A 359 13.63 20.00 -31.30
C GLY A 359 13.97 20.76 -32.58
N GLY A 360 13.37 21.93 -32.77
CA GLY A 360 13.60 22.67 -34.00
C GLY A 360 13.01 22.02 -35.25
N VAL A 361 12.02 21.14 -35.11
CA VAL A 361 11.39 20.47 -36.25
C VAL A 361 9.89 20.73 -36.22
N ASP A 362 9.36 21.18 -37.35
CA ASP A 362 7.94 21.47 -37.53
C ASP A 362 7.35 20.28 -38.30
N VAL A 363 6.82 19.29 -37.57
CA VAL A 363 6.65 17.97 -38.19
C VAL A 363 5.67 18.04 -39.35
N ASP A 364 4.57 18.80 -39.20
CA ASP A 364 3.59 18.78 -40.28
C ASP A 364 4.02 19.56 -41.49
N LEU A 365 5.20 20.20 -41.48
CA LEU A 365 5.78 20.72 -42.72
C LEU A 365 6.61 19.68 -43.46
N HIS A 366 6.70 18.45 -42.95
CA HIS A 366 7.61 17.45 -43.50
C HIS A 366 6.87 16.17 -43.89
N ALA A 367 7.30 15.59 -45.01
CA ALA A 367 6.85 14.24 -45.37
C ALA A 367 7.54 13.19 -44.50
N ASP A 368 6.95 12.00 -44.46
CA ASP A 368 7.47 10.90 -43.64
C ASP A 368 8.97 10.69 -43.86
N HIS A 369 9.39 10.68 -45.13
CA HIS A 369 10.78 10.37 -45.43
C HIS A 369 11.71 11.48 -44.97
N GLU A 370 11.22 12.71 -44.84
CA GLU A 370 12.05 13.77 -44.26
C GLU A 370 12.16 13.60 -42.76
N LEU A 371 11.08 13.17 -42.11
CA LEU A 371 11.19 12.80 -40.70
C LEU A 371 12.23 11.70 -40.51
N ARG A 372 12.23 10.68 -41.38
CA ARG A 372 13.24 9.63 -41.25
CA ARG A 372 13.23 9.62 -41.26
C ARG A 372 14.64 10.19 -41.43
N LYS A 373 14.84 11.00 -42.46
CA LYS A 373 16.14 11.60 -42.70
C LYS A 373 16.61 12.42 -41.49
N ILE A 374 15.68 13.10 -40.82
CA ILE A 374 16.03 13.84 -39.60
C ILE A 374 16.51 12.88 -38.53
N LEU A 375 15.79 11.77 -38.32
CA LEU A 375 16.20 10.79 -37.32
C LEU A 375 17.56 10.19 -37.67
N GLU A 376 17.83 10.03 -38.96
CA GLU A 376 19.06 9.40 -39.42
C GLU A 376 20.28 10.26 -39.11
N THR A 377 20.18 11.57 -39.35
CA THR A 377 21.34 12.46 -39.27
C THR A 377 21.44 13.19 -37.93
N GLN A 378 20.34 13.39 -37.22
CA GLN A 378 20.32 14.16 -36.00
C GLN A 378 20.18 13.33 -34.74
N THR A 379 20.05 12.00 -34.86
CA THR A 379 20.02 11.11 -33.70
C THR A 379 20.93 9.93 -33.95
N SER A 380 21.10 9.10 -32.91
CA SER A 380 21.89 7.89 -32.99
C SER A 380 21.02 6.63 -33.00
N LEU A 381 19.73 6.76 -33.32
CA LEU A 381 18.87 5.59 -33.38
C LEU A 381 19.37 4.62 -34.45
N PRO A 382 19.26 3.31 -34.22
CA PRO A 382 19.53 2.36 -35.29
C PRO A 382 18.47 2.45 -36.38
N GLU A 383 18.90 2.21 -37.62
CA GLU A 383 18.03 2.37 -38.77
C GLU A 383 16.79 1.49 -38.68
N LYS A 384 16.89 0.33 -38.04
CA LYS A 384 15.73 -0.55 -37.88
C LYS A 384 14.58 0.16 -37.16
N THR A 385 14.91 1.11 -36.29
CA THR A 385 13.89 1.74 -35.46
C THR A 385 12.95 2.63 -36.28
N TYR A 386 13.44 3.25 -37.36
CA TYR A 386 12.61 4.24 -38.05
C TYR A 386 12.38 3.94 -39.53
N VAL A 387 13.18 3.07 -40.15
CA VAL A 387 13.16 2.91 -41.61
C VAL A 387 11.76 2.59 -42.13
N HIS A 388 10.92 1.93 -41.31
CA HIS A 388 9.57 1.57 -41.70
C HIS A 388 8.54 2.01 -40.68
N ALA A 389 8.92 2.85 -39.71
CA ALA A 389 7.96 3.29 -38.71
C ALA A 389 6.85 4.11 -39.38
N SER A 390 5.66 4.03 -38.80
CA SER A 390 4.56 4.87 -39.25
C SER A 390 4.85 6.33 -38.90
N ARG A 391 4.08 7.23 -39.52
CA ARG A 391 4.22 8.66 -39.25
C ARG A 391 4.12 8.95 -37.76
N GLY A 392 3.10 8.40 -37.11
CA GLY A 392 2.93 8.60 -35.67
C GLY A 392 4.10 8.06 -34.88
N GLU A 393 4.60 6.88 -35.24
CA GLU A 393 5.80 6.36 -34.59
C GLU A 393 6.99 7.29 -34.79
N LEU A 394 7.14 7.85 -36.00
CA LEU A 394 8.25 8.75 -36.24
C LEU A 394 8.17 9.98 -35.34
N ILE A 395 6.96 10.46 -35.08
CA ILE A 395 6.77 11.65 -34.25
C ILE A 395 7.15 11.37 -32.81
N ALA A 396 6.76 10.19 -32.29
CA ALA A 396 7.15 9.80 -30.94
C ALA A 396 8.67 9.66 -30.81
N LEU A 397 9.33 9.13 -31.85
CA LEU A 397 10.79 9.01 -31.81
C LEU A 397 11.46 10.36 -31.88
N LEU A 398 10.91 11.29 -32.67
CA LEU A 398 11.46 12.66 -32.66
C LEU A 398 11.32 13.27 -31.27
N PHE A 399 10.18 13.06 -30.62
CA PHE A 399 10.02 13.53 -29.25
C PHE A 399 11.06 12.90 -28.32
N ASP A 400 11.17 11.57 -28.34
CA ASP A 400 12.14 10.87 -27.49
C ASP A 400 13.54 11.45 -27.65
N GLU A 401 13.97 11.63 -28.89
CA GLU A 401 15.37 11.91 -29.15
C GLU A 401 15.71 13.40 -29.11
N LEU A 402 14.76 14.28 -29.42
CA LEU A 402 15.07 15.70 -29.54
C LEU A 402 14.42 16.57 -28.47
N VAL A 403 13.46 16.05 -27.69
CA VAL A 403 12.68 16.86 -26.76
C VAL A 403 12.87 16.41 -25.32
N CYS A 404 12.71 15.11 -25.07
CA CYS A 404 12.47 14.60 -23.71
C CYS A 404 13.52 15.09 -22.71
N ASP A 405 14.81 14.98 -23.06
CA ASP A 405 15.90 15.44 -22.18
C ASP A 405 15.82 16.92 -21.84
N LYS A 406 15.18 17.74 -22.67
CA LYS A 406 15.17 19.17 -22.43
C LYS A 406 14.02 19.63 -21.54
N LEU A 407 13.15 18.71 -21.09
CA LEU A 407 11.99 19.11 -20.30
C LEU A 407 12.38 19.15 -18.83
N ILE A 408 13.00 20.27 -18.43
CA ILE A 408 13.51 20.41 -17.07
C ILE A 408 12.42 20.94 -16.16
N ALA A 409 11.85 22.10 -16.50
CA ALA A 409 10.66 22.59 -15.80
C ALA A 409 9.51 21.60 -16.00
N PRO A 410 8.54 21.59 -15.07
CA PRO A 410 7.40 20.66 -15.22
C PRO A 410 6.60 20.98 -16.47
N HIS A 411 6.40 19.95 -17.31
CA HIS A 411 5.64 20.07 -18.56
C HIS A 411 4.55 19.00 -18.58
N HIS A 412 3.38 19.37 -19.10
CA HIS A 412 2.42 18.40 -19.60
C HIS A 412 2.58 18.38 -21.13
N ILE A 413 2.94 17.23 -21.68
CA ILE A 413 3.02 17.03 -23.13
C ILE A 413 1.77 16.25 -23.57
N THR A 414 0.94 16.88 -24.41
CA THR A 414 -0.39 16.35 -24.75
C THR A 414 -0.48 15.80 -26.17
N ASP A 415 -1.56 15.06 -26.43
CA ASP A 415 -1.99 14.73 -27.79
C ASP A 415 -0.95 13.90 -28.53
N HIS A 416 -0.69 12.70 -28.02
CA HIS A 416 0.29 11.78 -28.57
C HIS A 416 -0.27 11.02 -29.77
N PRO A 417 0.61 10.49 -30.63
CA PRO A 417 0.13 9.61 -31.70
C PRO A 417 -0.58 8.39 -31.13
N LEU A 418 -1.60 7.95 -31.85
CA LEU A 418 -2.42 6.81 -31.47
C LEU A 418 -1.57 5.59 -31.16
N GLU A 419 -0.48 5.41 -31.90
CA GLU A 419 0.36 4.22 -31.70
C GLU A 419 0.95 4.12 -30.30
N THR A 420 0.97 5.20 -29.50
CA THR A 420 1.64 5.14 -28.21
C THR A 420 0.86 4.34 -27.16
N THR A 421 -0.44 4.11 -27.37
CA THR A 421 -1.25 3.41 -26.36
C THR A 421 -2.53 2.91 -26.99
N PRO A 422 -3.03 1.75 -26.58
CA PRO A 422 -4.34 1.28 -27.05
C PRO A 422 -5.50 1.62 -26.12
N LEU A 423 -5.27 2.34 -25.02
CA LEU A 423 -6.30 2.45 -23.98
C LEU A 423 -6.91 3.85 -23.87
N CYS A 424 -6.73 4.71 -24.90
CA CYS A 424 -7.06 6.13 -24.81
C CYS A 424 -7.98 6.55 -25.96
N LYS A 425 -8.90 7.49 -25.68
CA LYS A 425 -9.75 8.05 -26.73
C LYS A 425 -8.96 8.93 -27.68
N THR A 426 -9.37 8.96 -28.96
CA THR A 426 -8.77 9.89 -29.90
C THR A 426 -9.30 11.31 -29.66
N LEU A 427 -8.69 12.29 -30.33
CA LEU A 427 -9.03 13.70 -30.09
C LEU A 427 -10.49 13.99 -30.41
N ARG A 428 -11.17 14.66 -29.47
CA ARG A 428 -12.58 14.98 -29.72
C ARG A 428 -12.75 15.89 -30.93
N SER A 429 -11.68 16.56 -31.37
CA SER A 429 -11.77 17.35 -32.60
C SER A 429 -12.02 16.48 -33.83
N GLY A 430 -11.85 15.16 -33.74
CA GLY A 430 -11.98 14.30 -34.90
C GLY A 430 -10.67 13.84 -35.51
N ASP A 431 -9.53 14.30 -35.01
CA ASP A 431 -8.23 13.82 -35.49
C ASP A 431 -7.96 12.48 -34.83
N GLU A 432 -8.20 11.40 -35.57
CA GLU A 432 -8.10 10.04 -35.04
C GLU A 432 -6.68 9.50 -35.09
N THR A 433 -5.68 10.29 -35.53
CA THR A 433 -4.29 9.87 -35.46
C THR A 433 -3.62 10.23 -34.14
N LEU A 434 -4.29 11.01 -33.28
CA LEU A 434 -3.75 11.45 -31.99
C LEU A 434 -4.77 11.10 -30.90
N VAL A 435 -4.27 10.91 -29.66
CA VAL A 435 -5.11 10.53 -28.52
C VAL A 435 -5.04 11.58 -27.44
N GLU A 436 -6.14 11.69 -26.66
CA GLU A 436 -6.23 12.61 -25.52
C GLU A 436 -5.42 12.04 -24.35
N ARG A 437 -4.12 12.04 -24.55
CA ARG A 437 -3.17 11.61 -23.56
C ARG A 437 -2.29 12.79 -23.18
N PHE A 438 -1.86 12.84 -21.93
CA PHE A 438 -0.70 13.65 -21.62
C PHE A 438 0.26 12.84 -20.78
N GLU A 439 1.54 13.16 -20.92
CA GLU A 439 2.58 12.72 -20.01
C GLU A 439 3.20 13.96 -19.40
N SER A 440 3.43 13.90 -18.09
CA SER A 440 4.09 15.00 -17.40
C SER A 440 5.57 14.64 -17.28
N PHE A 441 6.42 15.63 -17.55
CA PHE A 441 7.86 15.49 -17.46
C PHE A 441 8.42 16.55 -16.52
N CYS A 442 9.39 16.15 -15.71
CA CYS A 442 10.18 17.09 -14.93
C CYS A 442 11.60 16.56 -14.83
N LEU A 443 12.58 17.47 -14.89
CA LEU A 443 14.00 17.09 -14.79
C LEU A 443 14.39 16.07 -15.85
N GLY A 444 13.75 16.14 -17.02
CA GLY A 444 14.06 15.22 -18.10
C GLY A 444 13.47 13.83 -17.98
N LYS A 445 12.67 13.56 -16.96
CA LYS A 445 12.14 12.23 -16.73
C LYS A 445 10.61 12.24 -16.74
N GLU A 446 10.04 11.11 -17.15
CA GLU A 446 8.58 10.94 -17.15
C GLU A 446 8.09 10.85 -15.72
N LEU A 447 7.08 11.64 -15.39
CA LEU A 447 6.50 11.62 -14.06
C LEU A 447 5.10 11.04 -14.03
N CYS A 448 4.32 11.24 -15.08
CA CYS A 448 2.89 10.97 -15.05
C CYS A 448 2.43 10.55 -16.44
N ASN A 449 1.46 9.65 -16.48
CA ASN A 449 0.82 9.22 -17.71
C ASN A 449 -0.69 9.24 -17.47
N ALA A 450 -1.46 9.83 -18.40
CA ALA A 450 -2.87 10.12 -18.12
C ALA A 450 -3.69 10.15 -19.41
N TYR A 451 -4.95 9.71 -19.31
CA TYR A 451 -5.82 9.56 -20.48
C TYR A 451 -7.22 10.14 -20.24
N SER A 452 -7.85 10.61 -21.32
CA SER A 452 -9.30 10.47 -21.47
C SER A 452 -9.57 9.00 -21.81
N GLU A 453 -10.13 8.25 -20.87
CA GLU A 453 -10.10 6.80 -20.93
C GLU A 453 -11.00 6.25 -22.03
N LEU A 454 -10.50 5.22 -22.73
CA LEU A 454 -11.27 4.57 -23.79
C LEU A 454 -12.35 3.66 -23.17
N ASN A 455 -13.62 3.92 -23.49
CA ASN A 455 -14.71 3.08 -22.98
C ASN A 455 -15.67 2.64 -24.10
N ASP A 456 -15.30 2.81 -25.35
CA ASP A 456 -16.00 2.23 -26.51
C ASP A 456 -15.52 0.80 -26.66
N PRO A 457 -16.34 -0.20 -26.32
CA PRO A 457 -15.83 -1.59 -26.31
C PRO A 457 -15.32 -2.08 -27.66
N LEU A 458 -16.02 -1.72 -28.75
CA LEU A 458 -15.59 -2.14 -30.09
C LEU A 458 -14.28 -1.48 -30.49
N GLN A 459 -14.16 -0.17 -30.25
CA GLN A 459 -12.89 0.49 -30.52
C GLN A 459 -11.77 -0.12 -29.65
N GLN A 460 -12.09 -0.48 -28.42
CA GLN A 460 -11.07 -1.05 -27.53
C GLN A 460 -10.58 -2.40 -28.04
N ARG A 461 -11.49 -3.26 -28.51
CA ARG A 461 -11.05 -4.52 -29.10
C ARG A 461 -10.23 -4.27 -30.36
N LYS A 462 -10.66 -3.31 -31.18
CA LYS A 462 -9.96 -3.04 -32.43
C LYS A 462 -8.51 -2.62 -32.18
N LEU A 463 -8.27 -1.72 -31.21
CA LEU A 463 -6.90 -1.28 -30.94
C LEU A 463 -6.05 -2.41 -30.38
N LEU A 464 -6.63 -3.27 -29.53
CA LEU A 464 -5.88 -4.38 -28.98
C LEU A 464 -5.55 -5.40 -30.08
N GLU A 465 -6.50 -5.66 -30.98
CA GLU A 465 -6.20 -6.54 -32.10
C GLU A 465 -5.08 -5.98 -32.98
N GLU A 466 -5.10 -4.67 -33.24
CA GLU A 466 -4.07 -4.07 -34.08
C GLU A 466 -2.70 -4.14 -33.41
N GLN A 467 -2.67 -3.95 -32.09
CA GLN A 467 -1.45 -4.15 -31.33
C GLN A 467 -0.98 -5.59 -31.43
N MET A 468 -1.91 -6.54 -31.36
CA MET A 468 -1.52 -7.94 -31.45
C MET A 468 -0.96 -8.26 -32.83
N ARG A 469 -1.54 -7.68 -33.89
CA ARG A 469 -1.00 -7.87 -35.23
C ARG A 469 0.41 -7.31 -35.35
N LYS A 470 0.63 -6.11 -34.79
CA LYS A 470 1.97 -5.52 -34.90
C LYS A 470 2.98 -6.33 -34.11
N LYS A 471 2.63 -6.77 -32.90
CA LYS A 471 3.56 -7.56 -32.10
C LYS A 471 3.87 -8.91 -32.76
N ALA A 472 2.91 -9.48 -33.53
CA ALA A 472 3.17 -10.77 -34.16
C ALA A 472 4.39 -10.73 -35.07
N LEU A 473 4.78 -9.54 -35.52
CA LEU A 473 5.90 -9.39 -36.43
C LEU A 473 7.23 -9.26 -35.71
N ASN A 474 7.22 -9.04 -34.39
CA ASN A 474 8.44 -8.96 -33.61
C ASN A 474 8.74 -10.30 -32.96
N PRO A 475 9.80 -10.98 -33.37
CA PRO A 475 10.12 -12.31 -32.79
C PRO A 475 10.47 -12.29 -31.31
N ASP A 476 10.73 -11.12 -30.71
CA ASP A 476 11.14 -11.05 -29.31
C ASP A 476 9.96 -11.05 -28.34
N SER A 477 8.75 -10.73 -28.78
CA SER A 477 7.61 -10.66 -27.87
C SER A 477 6.74 -11.89 -28.05
N GLU A 478 6.38 -12.52 -26.94
CA GLU A 478 5.49 -13.66 -26.99
C GLU A 478 4.04 -13.19 -27.14
N TYR A 479 3.22 -14.05 -27.73
CA TYR A 479 1.79 -13.81 -27.88
C TYR A 479 1.17 -13.37 -26.56
N HIS A 480 0.41 -12.29 -26.62
CA HIS A 480 -0.23 -11.70 -25.43
C HIS A 480 -1.74 -11.68 -25.69
N PRO A 481 -2.51 -12.63 -25.15
CA PRO A 481 -3.94 -12.71 -25.51
C PRO A 481 -4.68 -11.46 -25.06
N ILE A 482 -5.80 -11.19 -25.75
CA ILE A 482 -6.65 -10.08 -25.36
C ILE A 482 -7.35 -10.40 -24.05
N ASP A 483 -7.48 -9.42 -23.16
CA ASP A 483 -8.15 -9.63 -21.88
C ASP A 483 -9.68 -9.55 -22.11
N GLU A 484 -10.31 -10.73 -22.26
CA GLU A 484 -11.74 -10.80 -22.54
C GLU A 484 -12.59 -10.34 -21.35
N GLU A 485 -12.15 -10.60 -20.12
CA GLU A 485 -12.93 -10.12 -18.99
C GLU A 485 -12.96 -8.60 -18.96
N PHE A 486 -11.84 -7.96 -19.31
CA PHE A 486 -11.82 -6.52 -19.40
C PHE A 486 -12.79 -6.03 -20.47
N LEU A 487 -12.79 -6.67 -21.65
CA LEU A 487 -13.71 -6.24 -22.70
C LEU A 487 -15.16 -6.41 -22.27
N GLU A 488 -15.46 -7.48 -21.52
CA GLU A 488 -16.84 -7.69 -21.08
C GLU A 488 -17.25 -6.64 -20.08
N ALA A 489 -16.32 -6.25 -19.18
CA ALA A 489 -16.63 -5.16 -18.26
C ALA A 489 -16.97 -3.89 -19.02
N LEU A 490 -16.22 -3.57 -20.08
CA LEU A 490 -16.55 -2.39 -20.88
C LEU A 490 -17.90 -2.54 -21.58
N CYS A 491 -18.25 -3.76 -22.00
CA CYS A 491 -19.59 -3.97 -22.54
C CYS A 491 -20.65 -3.66 -21.50
N GLN A 492 -20.41 -4.05 -20.24
CA GLN A 492 -21.32 -3.69 -19.16
C GLN A 492 -21.45 -2.17 -19.06
N GLY A 493 -20.34 -1.47 -19.26
CA GLY A 493 -20.39 -0.02 -19.43
C GLY A 493 -19.53 0.73 -18.44
N MET A 494 -18.44 1.28 -18.92
CA MET A 494 -17.68 2.18 -18.07
C MET A 494 -18.05 3.63 -18.40
N PRO A 495 -18.28 4.46 -17.39
CA PRO A 495 -18.51 5.91 -17.63
C PRO A 495 -17.34 6.52 -18.37
N PRO A 496 -17.56 7.63 -19.07
CA PRO A 496 -16.43 8.48 -19.42
C PRO A 496 -15.60 8.71 -18.16
N ALA A 497 -14.28 8.79 -18.32
CA ALA A 497 -13.42 8.86 -17.15
C ALA A 497 -12.08 9.46 -17.54
N GLY A 498 -11.43 10.04 -16.55
CA GLY A 498 -10.04 10.46 -16.67
C GLY A 498 -9.20 9.77 -15.61
N GLY A 499 -8.04 9.29 -16.02
CA GLY A 499 -7.20 8.53 -15.12
C GLY A 499 -5.75 8.98 -15.27
N PHE A 500 -4.99 8.83 -14.19
CA PHE A 500 -3.56 9.09 -14.27
C PHE A 500 -2.79 8.08 -13.45
N GLY A 501 -1.54 7.87 -13.86
CA GLY A 501 -0.59 7.12 -13.05
C GLY A 501 0.66 7.96 -12.86
N ILE A 502 1.18 7.94 -11.62
CA ILE A 502 2.39 8.67 -11.26
C ILE A 502 3.37 7.69 -10.66
N GLY A 503 4.62 7.72 -11.13
CA GLY A 503 5.69 6.99 -10.45
C GLY A 503 6.12 7.72 -9.19
N ILE A 504 5.69 7.22 -8.05
CA ILE A 504 5.93 7.92 -6.79
C ILE A 504 7.41 7.97 -6.45
N ASP A 505 8.19 6.94 -6.82
CA ASP A 505 9.61 6.97 -6.47
C ASP A 505 10.31 8.09 -7.22
N ARG A 506 9.95 8.30 -8.49
CA ARG A 506 10.54 9.41 -9.23
C ARG A 506 10.13 10.75 -8.65
N LEU A 507 8.88 10.86 -8.18
CA LEU A 507 8.42 12.10 -7.55
C LEU A 507 9.22 12.38 -6.29
N VAL A 508 9.40 11.35 -5.46
CA VAL A 508 10.21 11.48 -4.26
C VAL A 508 11.62 11.92 -4.60
N MET A 509 12.19 11.38 -5.69
CA MET A 509 13.54 11.76 -6.08
C MET A 509 13.65 13.26 -6.33
N MET A 510 12.66 13.82 -7.03
CA MET A 510 12.63 15.24 -7.40
C MET A 510 12.44 16.15 -6.20
N LEU A 511 11.81 15.66 -5.13
CA LEU A 511 11.51 16.48 -3.98
C LEU A 511 12.48 16.27 -2.83
N THR A 512 13.44 15.35 -2.98
CA THR A 512 14.47 15.15 -1.98
C THR A 512 15.87 15.26 -2.57
N ASP A 513 16.01 15.81 -3.77
CA ASP A 513 17.30 15.98 -4.42
C ASP A 513 18.10 14.67 -4.42
N ALA A 514 17.45 13.60 -4.88
CA ALA A 514 18.06 12.28 -4.94
C ALA A 514 18.60 12.04 -6.35
N ALA A 515 19.88 11.67 -6.43
CA ALA A 515 20.50 11.41 -7.73
C ALA A 515 19.95 10.13 -8.39
N SER A 516 19.54 9.15 -7.59
CA SER A 516 19.12 7.85 -8.11
C SER A 516 17.87 7.36 -7.38
N ILE A 517 17.04 6.59 -8.10
CA ILE A 517 15.93 5.89 -7.46
C ILE A 517 16.41 5.02 -6.31
N ARG A 518 17.68 4.57 -6.37
CA ARG A 518 18.22 3.80 -5.25
C ARG A 518 18.32 4.60 -3.98
N ASP A 519 18.30 5.94 -4.06
CA ASP A 519 18.37 6.73 -2.84
C ASP A 519 17.01 6.96 -2.20
N VAL A 520 15.91 6.53 -2.83
CA VAL A 520 14.60 6.69 -2.22
C VAL A 520 13.93 5.34 -1.96
N LEU A 521 14.65 4.24 -2.11
CA LEU A 521 14.20 2.92 -1.72
C LEU A 521 15.12 2.43 -0.61
N PHE A 522 14.52 1.94 0.48
CA PHE A 522 15.32 1.38 1.56
C PHE A 522 16.22 0.25 1.08
N PHE A 523 15.70 -0.66 0.24
CA PHE A 523 16.46 -1.82 -0.23
C PHE A 523 16.28 -1.98 -1.73
N PRO A 524 17.01 -1.22 -2.53
CA PRO A 524 16.89 -1.35 -3.98
C PRO A 524 17.52 -2.65 -4.47
N VAL A 525 17.08 -3.07 -5.66
CA VAL A 525 17.63 -4.27 -6.29
C VAL A 525 19.12 -4.07 -6.54
N MET A 526 19.92 -5.05 -6.11
CA MET A 526 21.38 -5.01 -6.14
C MET A 526 21.91 -6.24 -6.84
N ARG A 527 22.98 -6.08 -7.64
CA ARG A 527 23.68 -7.23 -8.19
C ARG A 527 24.37 -8.03 -7.09
N ARG A 528 24.56 -9.32 -7.35
CA ARG A 528 25.11 -10.29 -6.40
C ARG A 528 26.31 -9.78 -5.61
N GLU B 12 -16.01 -20.17 -26.79
CA GLU B 12 -15.58 -18.80 -27.09
C GLU B 12 -16.26 -17.78 -26.17
N VAL B 13 -16.23 -16.51 -26.58
CA VAL B 13 -16.84 -15.43 -25.81
C VAL B 13 -18.33 -15.41 -26.13
N GLU B 14 -19.15 -15.89 -25.18
CA GLU B 14 -20.52 -16.29 -25.50
C GLU B 14 -21.44 -15.10 -25.74
N TYR B 15 -21.26 -14.01 -24.97
CA TYR B 15 -22.22 -12.93 -25.07
C TYR B 15 -22.24 -12.26 -26.43
N LEU B 16 -21.17 -12.43 -27.23
CA LEU B 16 -21.09 -11.81 -28.55
C LEU B 16 -22.18 -12.29 -29.50
N GLN B 17 -22.76 -13.47 -29.25
CA GLN B 17 -23.87 -13.95 -30.06
C GLN B 17 -25.20 -13.86 -29.35
N HIS B 18 -25.25 -13.24 -28.17
CA HIS B 18 -26.52 -13.11 -27.48
C HIS B 18 -27.38 -12.05 -28.13
N GLU B 19 -28.69 -12.23 -28.02
CA GLU B 19 -29.64 -11.32 -28.65
C GLU B 19 -29.48 -9.90 -28.09
N ASP B 20 -29.31 -9.76 -26.77
CA ASP B 20 -29.21 -8.42 -26.20
C ASP B 20 -27.99 -7.68 -26.76
N TYR B 21 -26.85 -8.38 -26.89
CA TYR B 21 -25.64 -7.73 -27.40
C TYR B 21 -25.81 -7.32 -28.86
N LEU B 22 -26.37 -8.20 -29.69
CA LEU B 22 -26.56 -7.88 -31.10
C LEU B 22 -27.54 -6.73 -31.26
N TYR B 23 -28.59 -6.71 -30.45
CA TYR B 23 -29.58 -5.64 -30.50
C TYR B 23 -28.99 -4.31 -30.02
N ARG B 24 -28.28 -4.33 -28.88
CA ARG B 24 -27.70 -3.10 -28.35
C ARG B 24 -26.64 -2.53 -29.29
N THR B 25 -25.81 -3.38 -29.91
CA THR B 25 -24.77 -2.88 -30.78
C THR B 25 -25.35 -2.29 -32.05
N SER B 26 -26.47 -2.82 -32.53
CA SER B 26 -27.08 -2.24 -33.73
C SER B 26 -27.66 -0.86 -33.47
N LYS B 27 -27.82 -0.46 -32.21
CA LYS B 27 -28.22 0.91 -31.90
C LYS B 27 -27.07 1.90 -32.05
N LEU B 28 -25.82 1.41 -32.07
CA LEU B 28 -24.69 2.32 -32.10
C LEU B 28 -24.66 3.14 -33.39
N LYS B 29 -24.83 2.46 -34.53
CA LYS B 29 -24.88 3.19 -35.79
C LYS B 29 -26.09 4.13 -35.82
N GLU B 30 -27.21 3.69 -35.24
CA GLU B 30 -28.41 4.53 -35.25
C GLU B 30 -28.19 5.80 -34.43
N ILE B 31 -27.49 5.67 -33.30
CA ILE B 31 -27.26 6.83 -32.45
C ILE B 31 -26.27 7.77 -33.11
N ARG B 32 -25.20 7.22 -33.71
CA ARG B 32 -24.24 8.04 -34.42
C ARG B 32 -24.87 8.72 -35.64
N ASP B 33 -25.78 8.03 -36.33
CA ASP B 33 -26.41 8.64 -37.50
C ASP B 33 -27.26 9.84 -37.11
N LEU B 34 -27.75 9.87 -35.88
CA LEU B 34 -28.43 11.04 -35.32
C LEU B 34 -27.45 12.12 -34.83
N GLY B 35 -26.15 11.98 -35.10
CA GLY B 35 -25.18 12.97 -34.68
C GLY B 35 -24.83 12.94 -33.21
N ILE B 36 -25.07 11.83 -32.52
CA ILE B 36 -24.85 11.73 -31.09
C ILE B 36 -23.70 10.76 -30.84
N ASN B 37 -22.69 11.21 -30.09
CA ASN B 37 -21.59 10.35 -29.68
C ASN B 37 -22.05 9.48 -28.53
N PRO B 38 -22.08 8.17 -28.68
CA PRO B 38 -22.51 7.31 -27.57
C PRO B 38 -21.43 7.08 -26.51
N TYR B 39 -20.19 7.54 -26.75
CA TYR B 39 -19.11 7.49 -25.76
C TYR B 39 -18.42 8.86 -25.67
N PRO B 40 -19.15 9.91 -25.21
CA PRO B 40 -18.57 11.26 -25.14
C PRO B 40 -17.46 11.40 -24.10
N TYR B 41 -16.89 12.59 -23.99
CA TYR B 41 -15.60 12.79 -23.33
C TYR B 41 -15.69 13.17 -21.86
N GLN B 42 -16.80 13.72 -21.40
CA GLN B 42 -16.91 14.14 -20.00
C GLN B 42 -18.38 14.45 -19.71
N TYR B 43 -18.64 14.76 -18.45
CA TYR B 43 -19.92 15.35 -18.04
C TYR B 43 -19.56 16.32 -16.93
N THR B 44 -19.39 17.58 -17.29
CA THR B 44 -18.85 18.58 -16.37
C THR B 44 -19.85 18.97 -15.29
N ASP B 45 -19.32 19.46 -14.18
CA ASP B 45 -20.08 20.21 -13.19
C ASP B 45 -21.33 19.45 -12.74
N CYS B 46 -21.16 18.20 -12.36
CA CYS B 46 -22.28 17.36 -11.97
C CYS B 46 -22.10 16.91 -10.52
N LEU B 47 -23.15 17.11 -9.72
CA LEU B 47 -23.14 16.73 -8.32
C LEU B 47 -23.31 15.21 -8.18
N GLU B 48 -22.92 14.70 -7.02
CA GLU B 48 -23.24 13.32 -6.66
C GLU B 48 -24.68 13.23 -6.19
N VAL B 49 -25.35 12.15 -6.58
CA VAL B 49 -26.71 11.92 -6.10
C VAL B 49 -26.77 12.02 -4.59
N GLN B 50 -25.83 11.37 -3.90
CA GLN B 50 -25.83 11.43 -2.44
C GLN B 50 -25.70 12.86 -1.92
N GLU B 51 -24.96 13.72 -2.64
CA GLU B 51 -24.86 15.12 -2.19
C GLU B 51 -26.15 15.87 -2.46
N ILE B 52 -26.86 15.52 -3.53
CA ILE B 52 -28.16 16.11 -3.79
C ILE B 52 -29.17 15.71 -2.70
N ARG B 53 -29.20 14.42 -2.36
CA ARG B 53 -30.04 13.96 -1.25
C ARG B 53 -29.74 14.74 0.03
N ASN B 54 -28.47 14.76 0.44
CA ASN B 54 -28.08 15.46 1.65
C ASN B 54 -28.50 16.93 1.60
N GLN B 55 -28.45 17.53 0.41
CA GLN B 55 -28.68 18.96 0.27
C GLN B 55 -30.17 19.31 0.29
N PHE B 56 -31.05 18.38 -0.11
CA PHE B 56 -32.46 18.71 -0.24
C PHE B 56 -33.43 17.66 0.32
N VAL B 57 -32.98 16.70 1.13
CA VAL B 57 -33.89 15.65 1.57
C VAL B 57 -34.91 16.19 2.57
N ASP B 58 -34.48 17.09 3.46
CA ASP B 58 -35.39 17.74 4.39
C ASP B 58 -35.84 19.11 3.90
N ASN B 59 -35.30 19.58 2.77
CA ASN B 59 -35.74 20.81 2.13
C ASN B 59 -37.23 20.71 1.77
N GLU B 60 -37.86 21.88 1.67
CA GLU B 60 -39.29 21.96 1.36
C GLU B 60 -39.48 22.27 -0.13
N LEU B 61 -39.13 21.30 -0.95
CA LEU B 61 -39.28 21.42 -2.39
C LEU B 61 -40.74 21.38 -2.80
N GLY B 62 -41.01 21.86 -4.01
CA GLY B 62 -42.34 21.83 -4.57
C GLY B 62 -42.72 20.45 -5.10
N ASP B 63 -43.90 20.40 -5.72
CA ASP B 63 -44.39 19.19 -6.37
C ASP B 63 -43.96 19.20 -7.84
N SER B 64 -44.42 18.21 -8.60
CA SER B 64 -43.99 18.09 -9.99
C SER B 64 -44.33 19.35 -10.80
N GLU B 65 -45.42 20.05 -10.44
CA GLU B 65 -45.82 21.24 -11.19
C GLU B 65 -44.86 22.40 -10.97
N ALA B 66 -44.38 22.56 -9.73
CA ALA B 66 -43.29 23.49 -9.49
C ALA B 66 -42.07 23.17 -10.36
N ALA B 67 -41.81 21.87 -10.57
CA ALA B 67 -40.65 21.50 -11.38
C ALA B 67 -40.87 21.80 -12.86
N PHE B 68 -42.07 21.49 -13.37
CA PHE B 68 -42.45 21.89 -14.73
C PHE B 68 -42.37 23.39 -14.93
N ARG B 69 -42.68 24.17 -13.88
CA ARG B 69 -42.54 25.63 -13.93
CA ARG B 69 -42.53 25.62 -13.95
C ARG B 69 -41.10 26.08 -13.69
N LYS B 70 -40.17 25.14 -13.50
CA LYS B 70 -38.74 25.43 -13.31
C LYS B 70 -38.49 26.34 -12.10
N GLU B 71 -39.26 26.13 -11.03
CA GLU B 71 -39.15 26.92 -9.82
C GLU B 71 -38.28 26.30 -8.75
N THR B 72 -38.06 25.00 -8.81
CA THR B 72 -37.33 24.26 -7.81
C THR B 72 -35.86 24.17 -8.21
N PRO B 73 -34.99 23.70 -7.31
CA PRO B 73 -33.56 23.72 -7.64
C PRO B 73 -33.23 22.84 -8.85
N LYS B 74 -32.29 23.33 -9.66
CA LYS B 74 -31.81 22.64 -10.83
C LYS B 74 -30.53 21.88 -10.49
N VAL B 75 -30.42 20.62 -10.91
CA VAL B 75 -29.24 19.82 -10.62
C VAL B 75 -28.71 19.15 -11.88
N ARG B 76 -27.44 18.79 -11.82
CA ARG B 76 -26.76 17.97 -12.81
C ARG B 76 -26.12 16.81 -12.06
N PHE B 77 -26.37 15.59 -12.54
CA PHE B 77 -25.76 14.40 -11.97
C PHE B 77 -25.74 13.33 -13.06
N ALA B 78 -25.11 12.20 -12.74
CA ALA B 78 -24.94 11.13 -13.72
C ALA B 78 -25.00 9.79 -13.00
N GLY B 79 -25.25 8.74 -13.78
CA GLY B 79 -25.29 7.41 -13.22
C GLY B 79 -25.92 6.42 -14.17
N ARG B 80 -26.19 5.24 -13.64
CA ARG B 80 -26.59 4.12 -14.47
C ARG B 80 -28.10 3.96 -14.41
N LEU B 81 -28.74 3.88 -15.58
CA LEU B 81 -30.17 3.63 -15.62
C LEU B 81 -30.46 2.20 -15.19
N VAL B 82 -31.09 2.02 -14.04
CA VAL B 82 -31.36 0.70 -13.50
C VAL B 82 -32.84 0.36 -13.45
N LEU B 83 -33.74 1.32 -13.66
CA LEU B 83 -35.16 1.05 -13.73
C LEU B 83 -35.77 2.01 -14.73
N PHE B 84 -36.72 1.52 -15.53
CA PHE B 84 -37.37 2.38 -16.51
C PHE B 84 -38.77 1.88 -16.79
N ARG B 85 -39.75 2.78 -16.77
CA ARG B 85 -41.13 2.44 -17.13
C ARG B 85 -41.71 3.59 -17.94
N SER B 86 -42.14 3.30 -19.17
CA SER B 86 -42.77 4.30 -20.02
C SER B 86 -44.26 4.36 -19.71
N MET B 87 -44.79 5.57 -19.55
CA MET B 87 -46.20 5.78 -19.27
C MET B 87 -46.83 6.74 -20.28
N GLY B 88 -46.45 6.63 -21.54
CA GLY B 88 -47.00 7.51 -22.56
C GLY B 88 -46.28 8.84 -22.65
N LYS B 89 -46.97 9.93 -22.32
CA LYS B 89 -46.33 11.25 -22.35
C LYS B 89 -45.15 11.30 -21.38
N ASN B 90 -45.25 10.60 -20.25
CA ASN B 90 -44.23 10.58 -19.22
C ASN B 90 -43.53 9.23 -19.18
N ALA B 91 -42.25 9.24 -18.78
CA ALA B 91 -41.54 8.03 -18.41
C ALA B 91 -40.84 8.23 -17.06
N PHE B 92 -40.80 7.17 -16.25
CA PHE B 92 -40.15 7.20 -14.96
C PHE B 92 -38.99 6.21 -14.92
N GLY B 93 -37.96 6.59 -14.17
CA GLY B 93 -36.76 5.78 -14.09
C GLY B 93 -36.05 5.94 -12.77
N GLN B 94 -35.03 5.10 -12.59
CA GLN B 94 -34.17 5.15 -11.43
CA GLN B 94 -34.16 5.15 -11.43
C GLN B 94 -32.72 5.19 -11.90
N ILE B 95 -31.95 6.15 -11.37
CA ILE B 95 -30.53 6.30 -11.67
C ILE B 95 -29.75 5.84 -10.45
N LEU B 96 -28.76 4.96 -10.66
CA LEU B 96 -27.85 4.52 -9.61
C LEU B 96 -26.52 5.25 -9.77
N ASP B 97 -26.11 5.99 -8.75
CA ASP B 97 -24.86 6.75 -8.77
C ASP B 97 -24.08 6.44 -7.50
N ASN B 98 -23.06 5.60 -7.60
CA ASN B 98 -22.07 5.47 -6.53
C ASN B 98 -22.76 5.14 -5.20
N ASP B 99 -23.61 4.11 -5.23
CA ASP B 99 -24.38 3.53 -4.12
C ASP B 99 -25.61 4.37 -3.73
N ALA B 100 -25.90 5.47 -4.43
CA ALA B 100 -27.12 6.23 -4.16
C ALA B 100 -28.04 6.15 -5.36
N LYS B 101 -29.34 6.16 -5.10
CA LYS B 101 -30.37 6.10 -6.11
C LYS B 101 -31.24 7.35 -6.06
N ILE B 102 -31.77 7.75 -7.22
CA ILE B 102 -32.74 8.84 -7.30
C ILE B 102 -33.68 8.55 -8.47
N GLN B 103 -34.95 8.90 -8.30
CA GLN B 103 -35.94 8.74 -9.35
CA GLN B 103 -35.94 8.74 -9.35
C GLN B 103 -35.85 9.88 -10.36
N VAL B 104 -36.08 9.56 -11.63
CA VAL B 104 -36.13 10.55 -12.70
C VAL B 104 -37.47 10.46 -13.41
N MET B 105 -37.90 11.59 -13.98
CA MET B 105 -39.10 11.64 -14.79
C MET B 105 -38.78 12.33 -16.09
N PHE B 106 -39.17 11.71 -17.20
CA PHE B 106 -39.06 12.29 -18.53
C PHE B 106 -40.46 12.64 -19.03
N ASN B 107 -40.55 13.73 -19.77
CA ASN B 107 -41.81 14.19 -20.33
C ASN B 107 -41.60 14.56 -21.79
N ARG B 108 -42.56 14.15 -22.62
CA ARG B 108 -42.47 14.33 -24.07
C ARG B 108 -42.18 15.79 -24.45
N ASP B 109 -42.74 16.76 -23.71
CA ASP B 109 -42.60 18.17 -24.04
C ASP B 109 -41.45 18.84 -23.30
N PHE B 110 -41.17 18.40 -22.07
CA PHE B 110 -40.18 19.04 -21.22
C PHE B 110 -38.76 18.51 -21.44
N SER B 111 -38.59 17.23 -21.75
CA SER B 111 -37.26 16.63 -21.80
C SER B 111 -36.67 16.68 -23.21
N ALA B 112 -35.39 17.04 -23.28
CA ALA B 112 -34.62 16.97 -24.51
C ALA B 112 -33.50 15.93 -24.37
N VAL B 113 -32.96 15.52 -25.52
CA VAL B 113 -31.79 14.63 -25.61
C VAL B 113 -30.65 15.44 -26.20
N ALA B 114 -29.53 15.52 -25.47
CA ALA B 114 -28.39 16.29 -25.96
C ALA B 114 -27.92 15.73 -27.29
N GLY B 115 -27.76 16.63 -28.27
CA GLY B 115 -27.34 16.25 -29.61
C GLY B 115 -28.46 15.84 -30.56
N LEU B 116 -29.67 15.59 -30.08
CA LEU B 116 -30.79 15.23 -30.94
C LEU B 116 -31.37 16.49 -31.59
N ALA B 117 -31.15 16.64 -32.90
CA ALA B 117 -31.62 17.82 -33.61
C ALA B 117 -33.14 17.89 -33.60
N ALA B 118 -33.66 19.12 -33.66
CA ALA B 118 -35.10 19.28 -33.74
C ALA B 118 -35.67 18.60 -34.98
N ASP B 119 -35.01 18.78 -36.13
CA ASP B 119 -35.42 18.12 -37.36
C ASP B 119 -34.90 16.68 -37.47
N ALA B 120 -34.51 16.06 -36.36
CA ALA B 120 -34.22 14.63 -36.38
C ALA B 120 -35.52 13.86 -36.58
N GLY B 121 -35.39 12.64 -37.13
CA GLY B 121 -36.59 11.89 -37.44
C GLY B 121 -37.26 11.20 -36.27
N ILE B 122 -36.78 11.41 -35.05
CA ILE B 122 -37.32 10.75 -33.88
C ILE B 122 -37.48 11.78 -32.77
N SER B 123 -38.52 11.62 -31.95
CA SER B 123 -38.77 12.56 -30.87
C SER B 123 -37.88 12.25 -29.66
N PRO B 124 -37.69 13.22 -28.77
CA PRO B 124 -36.87 12.94 -27.56
C PRO B 124 -37.42 11.81 -26.72
N ILE B 125 -38.73 11.80 -26.47
CA ILE B 125 -39.29 10.74 -25.63
C ILE B 125 -39.13 9.39 -26.31
N LYS B 126 -39.22 9.34 -27.65
CA LYS B 126 -39.05 8.06 -28.34
C LYS B 126 -37.59 7.64 -28.39
N PHE B 127 -36.67 8.59 -28.54
CA PHE B 127 -35.25 8.25 -28.40
C PHE B 127 -35.00 7.59 -27.05
N ILE B 128 -35.58 8.18 -25.99
CA ILE B 128 -35.35 7.67 -24.64
C ILE B 128 -35.89 6.25 -24.49
N GLU B 129 -37.05 5.97 -25.10
CA GLU B 129 -37.63 4.63 -24.99
C GLU B 129 -36.90 3.61 -25.85
N LYS B 130 -36.51 3.99 -27.07
CA LYS B 130 -36.05 3.05 -28.08
C LYS B 130 -34.53 2.95 -28.20
N LYS B 131 -33.79 4.05 -28.03
CA LYS B 131 -32.36 4.00 -28.26
C LYS B 131 -31.55 3.85 -26.98
N LEU B 132 -32.13 4.19 -25.83
CA LEU B 132 -31.51 3.96 -24.54
C LEU B 132 -31.93 2.59 -24.00
N ASP B 133 -31.19 2.10 -23.01
CA ASP B 133 -31.47 0.80 -22.41
C ASP B 133 -31.07 0.84 -20.94
N LEU B 134 -31.73 0.00 -20.14
CA LEU B 134 -31.22 -0.38 -18.83
C LEU B 134 -29.73 -0.69 -18.93
N GLY B 135 -28.94 -0.16 -18.00
CA GLY B 135 -27.51 -0.31 -18.00
C GLY B 135 -26.77 0.85 -18.64
N ASP B 136 -27.43 1.64 -19.48
CA ASP B 136 -26.79 2.80 -20.06
C ASP B 136 -26.46 3.81 -18.95
N ILE B 137 -25.35 4.51 -19.13
CA ILE B 137 -24.93 5.54 -18.20
C ILE B 137 -25.34 6.89 -18.78
N LEU B 138 -26.08 7.67 -17.99
CA LEU B 138 -26.71 8.90 -18.45
C LEU B 138 -26.26 10.08 -17.60
N GLY B 139 -26.15 11.24 -18.24
CA GLY B 139 -26.09 12.51 -17.54
C GLY B 139 -27.45 13.19 -17.55
N LEU B 140 -27.88 13.60 -16.36
CA LEU B 140 -29.21 14.16 -16.15
C LEU B 140 -29.09 15.59 -15.65
N GLU B 141 -29.79 16.50 -16.31
CA GLU B 141 -29.93 17.87 -15.83
C GLU B 141 -31.42 18.17 -15.76
N GLY B 142 -31.88 18.66 -14.60
CA GLY B 142 -33.31 18.82 -14.43
C GLY B 142 -33.65 19.44 -13.08
N TYR B 143 -34.93 19.37 -12.74
CA TYR B 143 -35.48 20.11 -11.60
C TYR B 143 -36.02 19.14 -10.56
N LEU B 144 -35.63 19.38 -9.30
CA LEU B 144 -36.04 18.53 -8.19
C LEU B 144 -37.51 18.73 -7.84
N PHE B 145 -38.14 17.65 -7.38
CA PHE B 145 -39.43 17.75 -6.70
C PHE B 145 -39.62 16.50 -5.83
N PHE B 146 -40.64 16.57 -4.99
CA PHE B 146 -41.06 15.43 -4.18
C PHE B 146 -42.37 14.88 -4.71
N THR B 147 -42.44 13.56 -4.90
CA THR B 147 -43.74 12.94 -5.08
C THR B 147 -44.55 13.11 -3.78
N HIS B 148 -45.84 12.80 -3.85
CA HIS B 148 -46.63 12.95 -2.63
C HIS B 148 -46.37 11.83 -1.64
N SER B 149 -45.72 10.75 -2.06
CA SER B 149 -45.16 9.76 -1.14
C SER B 149 -43.83 10.20 -0.54
N GLY B 150 -43.31 11.35 -0.94
CA GLY B 150 -42.06 11.86 -0.42
C GLY B 150 -40.82 11.38 -1.13
N GLU B 151 -40.96 10.79 -2.31
CA GLU B 151 -39.81 10.29 -3.05
C GLU B 151 -39.16 11.44 -3.82
N LEU B 152 -37.90 11.71 -3.50
CA LEU B 152 -37.15 12.72 -4.23
C LEU B 152 -37.00 12.32 -5.69
N THR B 153 -37.42 13.22 -6.58
CA THR B 153 -37.44 12.94 -8.01
C THR B 153 -36.86 14.11 -8.78
N VAL B 154 -36.32 13.82 -9.97
CA VAL B 154 -35.78 14.85 -10.86
C VAL B 154 -36.57 14.84 -12.16
N LEU B 155 -37.20 15.98 -12.47
CA LEU B 155 -37.84 16.19 -13.76
C LEU B 155 -36.76 16.56 -14.77
N VAL B 156 -36.52 15.70 -15.74
CA VAL B 156 -35.34 15.82 -16.59
C VAL B 156 -35.59 16.82 -17.71
N GLU B 157 -34.74 17.86 -17.76
CA GLU B 157 -34.74 18.84 -18.85
C GLU B 157 -33.85 18.43 -20.01
N THR B 158 -32.67 17.87 -19.74
CA THR B 158 -31.81 17.36 -20.79
C THR B 158 -31.15 16.07 -20.31
N VAL B 159 -31.29 14.99 -21.10
CA VAL B 159 -30.57 13.75 -20.83
C VAL B 159 -29.44 13.63 -21.83
N THR B 160 -28.26 13.27 -21.34
CA THR B 160 -27.08 13.09 -22.17
C THR B 160 -26.70 11.62 -22.09
N LEU B 161 -26.59 10.96 -23.24
CA LEU B 161 -26.06 9.60 -23.23
C LEU B 161 -24.56 9.64 -22.93
N LEU B 162 -24.15 9.04 -21.83
CA LEU B 162 -22.73 9.05 -21.47
C LEU B 162 -22.02 7.75 -21.81
N CYS B 163 -22.72 6.61 -21.79
CA CYS B 163 -22.10 5.35 -22.20
C CYS B 163 -23.18 4.39 -22.64
N LYS B 164 -23.10 3.93 -23.88
CA LYS B 164 -24.04 2.92 -24.37
C LYS B 164 -23.57 1.55 -23.91
N SER B 165 -24.28 0.95 -22.96
CA SER B 165 -23.94 -0.39 -22.49
C SER B 165 -24.36 -1.43 -23.53
N LEU B 166 -23.54 -2.46 -23.69
CA LEU B 166 -23.77 -3.43 -24.75
C LEU B 166 -24.29 -4.78 -24.24
N ILE B 167 -24.38 -4.97 -22.93
CA ILE B 167 -25.05 -6.12 -22.36
C ILE B 167 -26.05 -5.61 -21.32
N SER B 168 -26.98 -6.48 -20.95
CA SER B 168 -27.99 -6.12 -19.98
CA SER B 168 -27.98 -6.09 -19.98
C SER B 168 -27.38 -5.99 -18.58
N LEU B 169 -28.14 -5.34 -17.70
CA LEU B 169 -27.85 -5.32 -16.27
C LEU B 169 -27.70 -6.75 -15.79
N PRO B 170 -26.81 -7.01 -14.84
CA PRO B 170 -26.76 -8.36 -14.27
C PRO B 170 -28.05 -8.66 -13.52
N ASP B 171 -28.38 -9.94 -13.44
CA ASP B 171 -29.43 -10.38 -12.52
C ASP B 171 -29.15 -9.78 -11.14
N LYS B 172 -30.16 -9.16 -10.55
CA LYS B 172 -29.93 -8.48 -9.28
C LYS B 172 -29.65 -9.47 -8.16
N HIS B 173 -30.35 -10.60 -8.15
CA HIS B 173 -30.28 -11.56 -7.06
C HIS B 173 -29.63 -12.84 -7.56
N ALA B 174 -28.35 -12.99 -7.23
CA ALA B 174 -27.53 -14.06 -7.79
C ALA B 174 -27.77 -15.37 -7.08
N GLY B 175 -27.98 -16.43 -7.85
CA GLY B 175 -27.91 -17.76 -7.30
C GLY B 175 -26.44 -18.16 -7.08
N LEU B 176 -26.25 -19.41 -6.70
CA LEU B 176 -24.92 -19.91 -6.37
C LEU B 176 -23.96 -19.80 -7.57
N ALA B 177 -24.40 -20.26 -8.75
CA ALA B 177 -23.50 -20.26 -9.90
C ALA B 177 -23.12 -18.85 -10.31
N ASP B 178 -24.09 -17.92 -10.31
CA ASP B 178 -23.80 -16.52 -10.64
C ASP B 178 -22.87 -15.91 -9.62
N LYS B 179 -23.06 -16.26 -8.34
CA LYS B 179 -22.19 -15.68 -7.32
C LYS B 179 -20.74 -16.13 -7.54
N GLU B 180 -20.54 -17.38 -7.95
CA GLU B 180 -19.18 -17.83 -8.24
C GLU B 180 -18.55 -17.02 -9.36
N ILE B 181 -19.31 -16.77 -10.43
CA ILE B 181 -18.81 -16.01 -11.56
C ILE B 181 -18.46 -14.59 -11.13
N ARG B 182 -19.23 -14.02 -10.20
CA ARG B 182 -19.04 -12.62 -9.83
C ARG B 182 -17.84 -12.40 -8.93
N TYR B 183 -17.24 -13.47 -8.37
CA TYR B 183 -15.93 -13.28 -7.75
C TYR B 183 -14.86 -12.94 -8.78
N ARG B 184 -15.06 -13.28 -10.05
CA ARG B 184 -14.22 -12.79 -11.14
C ARG B 184 -14.82 -11.54 -11.76
N LYS B 185 -16.09 -11.62 -12.16
CA LYS B 185 -16.79 -10.50 -12.79
C LYS B 185 -17.33 -9.54 -11.72
N ARG B 186 -16.40 -9.01 -10.91
CA ARG B 186 -16.79 -8.32 -9.69
C ARG B 186 -17.63 -7.08 -9.95
N TRP B 187 -17.49 -6.47 -11.13
CA TRP B 187 -18.28 -5.27 -11.44
C TRP B 187 -19.77 -5.57 -11.39
N ALA B 188 -20.18 -6.77 -11.79
CA ALA B 188 -21.59 -7.15 -11.77
C ALA B 188 -22.13 -7.23 -10.33
N ASP B 189 -21.30 -7.73 -9.41
CA ASP B 189 -21.63 -7.70 -7.99
C ASP B 189 -21.81 -6.26 -7.49
N LEU B 190 -20.88 -5.37 -7.88
CA LEU B 190 -20.91 -4.01 -7.37
C LEU B 190 -22.14 -3.26 -7.90
N ILE B 191 -22.51 -3.50 -9.16
CA ILE B 191 -23.73 -2.91 -9.70
C ILE B 191 -24.96 -3.42 -8.96
N SER B 192 -25.06 -4.74 -8.76
CA SER B 192 -26.29 -5.37 -8.28
CA SER B 192 -26.30 -5.32 -8.28
C SER B 192 -26.48 -5.29 -6.78
N SER B 193 -25.41 -5.34 -5.99
CA SER B 193 -25.56 -5.63 -4.57
C SER B 193 -25.11 -4.47 -3.67
N GLU B 194 -26.09 -3.89 -2.99
CA GLU B 194 -25.84 -2.89 -1.95
C GLU B 194 -24.94 -3.45 -0.85
N ASP B 195 -25.14 -4.71 -0.47
CA ASP B 195 -24.36 -5.31 0.61
C ASP B 195 -22.90 -5.47 0.21
N VAL B 196 -22.64 -5.90 -1.02
CA VAL B 196 -21.25 -5.97 -1.48
C VAL B 196 -20.63 -4.59 -1.49
N ARG B 197 -21.37 -3.59 -2.00
CA ARG B 197 -20.84 -2.23 -2.00
C ARG B 197 -20.49 -1.77 -0.58
N LYS B 198 -21.37 -2.04 0.38
CA LYS B 198 -21.10 -1.59 1.73
C LYS B 198 -19.87 -2.30 2.32
N THR B 199 -19.75 -3.61 2.07
CA THR B 199 -18.58 -4.36 2.52
C THR B 199 -17.28 -3.69 2.08
N PHE B 200 -17.19 -3.32 0.82
CA PHE B 200 -15.91 -2.81 0.33
C PHE B 200 -15.70 -1.35 0.73
N LEU B 201 -16.78 -0.60 0.94
CA LEU B 201 -16.67 0.73 1.51
C LEU B 201 -16.14 0.66 2.94
N THR B 202 -16.69 -0.28 3.73
CA THR B 202 -16.19 -0.48 5.09
C THR B 202 -14.72 -0.90 5.09
N ARG B 203 -14.31 -1.70 4.11
CA ARG B 203 -12.90 -2.10 4.07
C ARG B 203 -11.99 -0.88 3.94
N SER B 204 -12.27 -0.01 2.96
CA SER B 204 -11.45 1.19 2.80
C SER B 204 -11.46 2.01 4.09
N ARG B 205 -12.61 2.09 4.75
CA ARG B 205 -12.69 2.83 6.01
C ARG B 205 -11.80 2.21 7.07
N ILE B 206 -11.78 0.87 7.14
CA ILE B 206 -10.94 0.18 8.11
C ILE B 206 -9.45 0.49 7.87
N LEU B 207 -9.03 0.46 6.61
CA LEU B 207 -7.63 0.75 6.31
C LEU B 207 -7.28 2.16 6.74
N LYS B 208 -8.21 3.10 6.57
CA LYS B 208 -7.97 4.48 6.99
CA LYS B 208 -7.97 4.48 6.99
C LYS B 208 -7.92 4.59 8.50
N LEU B 209 -8.80 3.86 9.20
CA LEU B 209 -8.76 3.89 10.66
C LEU B 209 -7.47 3.30 11.21
N ILE B 210 -6.91 2.28 10.54
CA ILE B 210 -5.63 1.71 10.99
C ILE B 210 -4.52 2.75 10.87
N ARG B 211 -4.37 3.37 9.71
CA ARG B 211 -3.34 4.39 9.53
C ARG B 211 -3.53 5.53 10.53
N GLU B 212 -4.78 5.97 10.74
CA GLU B 212 -5.04 7.03 11.70
C GLU B 212 -4.56 6.64 13.11
N TYR B 213 -4.91 5.44 13.55
CA TYR B 213 -4.50 5.01 14.89
C TYR B 213 -2.97 4.90 14.98
N MET B 214 -2.33 4.28 14.00
CA MET B 214 -0.88 4.12 14.07
C MET B 214 -0.18 5.47 14.05
N ASP B 215 -0.65 6.39 13.19
CA ASP B 215 -0.01 7.69 13.11
CA ASP B 215 -0.04 7.70 13.09
C ASP B 215 -0.13 8.45 14.43
N GLN B 216 -1.28 8.39 15.09
CA GLN B 216 -1.46 9.10 16.36
C GLN B 216 -0.62 8.50 17.49
N GLN B 217 -0.10 7.29 17.31
CA GLN B 217 0.86 6.69 18.23
C GLN B 217 2.30 6.90 17.76
N SER B 218 2.52 7.72 16.73
CA SER B 218 3.84 8.14 16.25
C SER B 218 4.56 7.06 15.49
N PHE B 219 3.85 6.04 15.02
CA PHE B 219 4.47 5.11 14.08
C PHE B 219 4.61 5.78 12.72
N LEU B 220 5.74 5.54 12.07
CA LEU B 220 5.97 6.03 10.72
C LEU B 220 5.69 4.90 9.74
N GLU B 221 4.96 5.21 8.66
CA GLU B 221 4.64 4.21 7.64
C GLU B 221 5.77 4.16 6.60
N VAL B 222 6.25 2.95 6.31
CA VAL B 222 7.30 2.75 5.33
C VAL B 222 6.84 1.69 4.30
N GLU B 223 7.62 1.55 3.24
CA GLU B 223 7.52 0.45 2.29
C GLU B 223 8.86 -0.28 2.22
N THR B 224 8.80 -1.61 2.15
CA THR B 224 9.97 -2.45 1.98
C THR B 224 9.72 -3.44 0.85
N PRO B 225 10.77 -4.05 0.29
CA PRO B 225 10.60 -4.78 -0.97
C PRO B 225 9.75 -6.05 -0.84
N ILE B 226 8.93 -6.29 -1.85
CA ILE B 226 8.25 -7.57 -1.99
C ILE B 226 9.19 -8.61 -2.57
N LEU B 227 9.96 -8.25 -3.60
CA LEU B 227 10.93 -9.17 -4.21
C LEU B 227 12.24 -9.15 -3.42
N GLN B 228 12.65 -10.32 -2.92
CA GLN B 228 13.89 -10.46 -2.15
C GLN B 228 14.62 -11.72 -2.60
N THR B 229 15.92 -11.76 -2.31
CA THR B 229 16.74 -12.94 -2.56
C THR B 229 16.57 -14.00 -1.48
N VAL B 230 15.93 -13.64 -0.37
CA VAL B 230 15.60 -14.50 0.74
C VAL B 230 14.11 -14.36 1.07
N TYR B 231 13.67 -15.12 2.05
CA TYR B 231 12.33 -14.98 2.61
C TYR B 231 12.37 -15.50 4.03
N GLY B 232 11.46 -15.01 4.86
CA GLY B 232 11.45 -15.45 6.24
C GLY B 232 10.46 -14.64 7.05
N GLY B 233 10.54 -14.82 8.36
CA GLY B 233 9.60 -14.19 9.27
C GLY B 233 8.28 -14.91 9.40
N ALA B 234 8.16 -16.11 8.85
CA ALA B 234 6.95 -16.91 8.94
C ALA B 234 7.29 -18.31 8.43
N GLU B 235 6.31 -19.21 8.49
CA GLU B 235 6.47 -20.58 8.04
C GLU B 235 5.53 -20.79 6.86
N ALA B 236 6.06 -20.67 5.64
CA ALA B 236 5.24 -20.80 4.45
C ALA B 236 6.11 -21.04 3.23
N THR B 237 5.61 -21.87 2.33
CA THR B 237 6.17 -21.98 0.99
C THR B 237 6.07 -20.62 0.28
N PRO B 238 7.12 -20.16 -0.38
CA PRO B 238 7.06 -18.86 -1.05
C PRO B 238 6.68 -19.02 -2.52
N PHE B 239 6.38 -17.88 -3.14
CA PHE B 239 6.37 -17.76 -4.59
C PHE B 239 7.78 -17.46 -5.08
N VAL B 240 8.13 -18.03 -6.23
CA VAL B 240 9.44 -17.84 -6.84
C VAL B 240 9.23 -17.20 -8.21
N THR B 241 10.19 -16.35 -8.60
CA THR B 241 10.13 -15.69 -9.90
C THR B 241 11.55 -15.40 -10.34
N THR B 242 11.69 -15.01 -11.61
CA THR B 242 12.99 -14.73 -12.20
C THR B 242 13.11 -13.26 -12.56
N LEU B 243 14.25 -12.64 -12.18
CA LEU B 243 14.56 -11.25 -12.52
C LEU B 243 15.57 -11.24 -13.66
N GLN B 244 15.12 -10.89 -14.88
CA GLN B 244 15.93 -11.08 -16.08
C GLN B 244 17.21 -10.24 -16.05
N ALA B 245 17.16 -9.01 -15.50
CA ALA B 245 18.32 -8.14 -15.54
C ALA B 245 19.53 -8.78 -14.87
N LEU B 246 19.30 -9.49 -13.77
CA LEU B 246 20.36 -10.13 -13.00
C LEU B 246 20.42 -11.64 -13.20
N HIS B 247 19.58 -12.20 -14.07
CA HIS B 247 19.42 -13.65 -14.23
C HIS B 247 19.32 -14.33 -12.87
N ALA B 248 18.45 -13.80 -12.01
CA ALA B 248 18.41 -14.19 -10.60
C ALA B 248 17.03 -14.68 -10.20
N GLU B 249 17.02 -15.78 -9.45
CA GLU B 249 15.82 -16.21 -8.75
C GLU B 249 15.53 -15.26 -7.58
N MET B 250 14.25 -14.91 -7.43
CA MET B 250 13.78 -14.03 -6.37
C MET B 250 12.58 -14.67 -5.70
N PHE B 251 12.39 -14.34 -4.43
CA PHE B 251 11.22 -14.74 -3.68
C PHE B 251 10.34 -13.52 -3.44
N LEU B 252 9.04 -13.72 -3.56
CA LEU B 252 8.08 -12.77 -3.04
C LEU B 252 7.96 -13.01 -1.54
N ARG B 253 7.88 -11.91 -0.79
CA ARG B 253 7.97 -11.98 0.66
C ARG B 253 6.77 -12.72 1.24
N ILE B 254 7.02 -13.50 2.29
CA ILE B 254 5.95 -14.14 3.04
C ILE B 254 5.53 -13.33 4.26
N SER B 255 6.23 -12.23 4.56
CA SER B 255 5.95 -11.40 5.73
C SER B 255 6.84 -10.15 5.64
N LEU B 256 6.66 -9.26 6.61
CA LEU B 256 7.36 -7.97 6.62
C LEU B 256 8.47 -7.90 7.64
N GLU B 257 8.71 -8.98 8.40
CA GLU B 257 9.42 -8.87 9.68
C GLU B 257 10.87 -8.44 9.52
N ILE B 258 11.65 -9.17 8.71
CA ILE B 258 13.08 -8.96 8.66
C ILE B 258 13.40 -7.55 8.19
N ALA B 259 12.64 -7.04 7.22
CA ALA B 259 12.89 -5.72 6.67
C ALA B 259 12.65 -4.63 7.70
N LEU B 260 11.55 -4.73 8.45
CA LEU B 260 11.27 -3.68 9.42
C LEU B 260 12.25 -3.73 10.59
N LYS B 261 12.75 -4.92 10.95
CA LYS B 261 13.75 -5.01 12.01
C LYS B 261 15.04 -4.32 11.61
N LYS B 262 15.42 -4.41 10.34
CA LYS B 262 16.60 -3.67 9.88
C LYS B 262 16.42 -2.18 10.03
N LEU B 263 15.18 -1.69 9.89
CA LEU B 263 14.93 -0.26 10.07
C LEU B 263 14.98 0.12 11.55
N LEU B 264 14.64 -0.81 12.45
CA LEU B 264 14.90 -0.55 13.87
C LEU B 264 16.39 -0.36 14.13
N VAL B 265 17.23 -1.23 13.55
CA VAL B 265 18.67 -1.04 13.69
C VAL B 265 19.08 0.31 13.12
N GLY B 266 18.45 0.69 12.00
CA GLY B 266 18.70 1.98 11.37
C GLY B 266 18.26 3.18 12.19
N GLY B 267 17.56 2.97 13.31
CA GLY B 267 17.29 4.05 14.23
C GLY B 267 15.86 4.53 14.26
N MET B 268 14.96 3.94 13.47
CA MET B 268 13.57 4.38 13.48
C MET B 268 12.85 3.68 14.61
N SER B 269 12.32 4.46 15.56
CA SER B 269 11.85 3.84 16.79
C SER B 269 10.49 3.18 16.63
N ARG B 270 9.62 3.71 15.78
CA ARG B 270 8.30 3.12 15.54
C ARG B 270 7.99 3.12 14.05
N VAL B 271 7.99 1.93 13.44
CA VAL B 271 7.72 1.75 12.02
C VAL B 271 6.54 0.80 11.86
N TYR B 272 5.83 0.95 10.75
CA TYR B 272 4.85 -0.05 10.37
C TYR B 272 4.70 -0.01 8.85
N GLU B 273 4.17 -1.11 8.31
CA GLU B 273 3.94 -1.26 6.89
C GLU B 273 2.65 -2.03 6.70
N ILE B 274 1.79 -1.53 5.81
CA ILE B 274 0.59 -2.24 5.40
C ILE B 274 0.86 -2.69 3.98
N GLY B 275 1.05 -4.00 3.79
CA GLY B 275 1.46 -4.47 2.49
C GLY B 275 0.97 -5.85 2.14
N LYS B 276 1.04 -6.14 0.85
CA LYS B 276 0.75 -7.46 0.33
C LYS B 276 1.90 -8.42 0.67
N VAL B 277 1.53 -9.60 1.15
CA VAL B 277 2.45 -10.72 1.30
C VAL B 277 1.85 -11.91 0.55
N PHE B 278 2.69 -12.92 0.32
CA PHE B 278 2.39 -13.99 -0.61
C PHE B 278 2.82 -15.30 0.01
N ARG B 279 1.86 -16.18 0.26
CA ARG B 279 2.13 -17.53 0.75
C ARG B 279 1.53 -18.52 -0.24
N ASN B 280 2.38 -19.38 -0.79
CA ASN B 280 2.00 -20.28 -1.89
C ASN B 280 1.37 -21.54 -1.31
N GLU B 281 0.17 -21.36 -0.75
CA GLU B 281 -0.49 -22.40 0.03
C GLU B 281 -1.91 -22.59 -0.50
N GLY B 282 -2.76 -23.17 0.35
CA GLY B 282 -4.11 -23.50 -0.08
C GLY B 282 -5.03 -22.30 -0.10
N ILE B 283 -6.16 -22.47 -0.76
CA ILE B 283 -7.19 -21.46 -0.92
C ILE B 283 -8.45 -21.94 -0.21
N ASP B 284 -8.98 -21.13 0.70
CA ASP B 284 -10.25 -21.48 1.34
C ASP B 284 -10.84 -20.22 1.98
N ARG B 285 -11.88 -20.44 2.80
CA ARG B 285 -12.61 -19.34 3.41
C ARG B 285 -11.72 -18.36 4.16
N THR B 286 -10.55 -18.79 4.66
CA THR B 286 -9.68 -17.89 5.41
C THR B 286 -8.29 -17.74 4.80
N HIS B 287 -8.06 -18.20 3.58
CA HIS B 287 -6.73 -18.19 2.98
C HIS B 287 -6.82 -17.76 1.53
N ASN B 288 -6.23 -16.62 1.20
CA ASN B 288 -5.99 -16.25 -0.16
C ASN B 288 -4.48 -16.07 -0.32
N PRO B 289 -3.85 -16.71 -1.33
CA PRO B 289 -2.37 -16.68 -1.42
C PRO B 289 -1.77 -15.29 -1.39
N GLU B 290 -2.47 -14.29 -1.89
CA GLU B 290 -2.07 -12.89 -1.74
C GLU B 290 -2.99 -12.26 -0.72
N PHE B 291 -2.42 -11.73 0.36
CA PHE B 291 -3.24 -11.09 1.37
C PHE B 291 -2.48 -9.90 1.94
N THR B 292 -3.20 -9.08 2.72
CA THR B 292 -2.68 -7.82 3.23
C THR B 292 -2.39 -7.94 4.72
N MET B 293 -1.17 -7.59 5.11
CA MET B 293 -0.76 -7.58 6.50
C MET B 293 -0.37 -6.17 6.91
N ILE B 294 -0.62 -5.85 8.18
CA ILE B 294 0.14 -4.81 8.85
C ILE B 294 1.14 -5.49 9.78
N GLU B 295 2.40 -5.08 9.70
CA GLU B 295 3.37 -5.35 10.76
C GLU B 295 3.83 -4.01 11.32
N ALA B 296 3.99 -3.95 12.64
CA ALA B 296 4.40 -2.72 13.31
C ALA B 296 5.37 -3.07 14.42
N TYR B 297 6.41 -2.25 14.57
CA TYR B 297 7.46 -2.48 15.56
C TYR B 297 7.72 -1.21 16.35
N ALA B 298 7.75 -1.34 17.67
CA ALA B 298 8.00 -0.21 18.57
C ALA B 298 9.20 -0.55 19.46
N ALA B 299 10.28 0.20 19.30
CA ALA B 299 11.43 0.03 20.16
C ALA B 299 11.05 0.29 21.61
N TYR B 300 11.65 -0.47 22.52
CA TYR B 300 11.63 -0.32 23.97
C TYR B 300 10.32 -0.88 24.56
N TRP B 301 9.43 -1.41 23.73
CA TRP B 301 8.26 -2.17 24.14
C TRP B 301 8.60 -3.66 24.23
N ASP B 302 7.76 -4.38 24.97
CA ASP B 302 7.78 -5.84 24.99
C ASP B 302 6.40 -6.34 24.56
N TYR B 303 6.16 -7.65 24.69
CA TYR B 303 4.91 -8.18 24.15
C TYR B 303 3.70 -7.74 24.98
N ASN B 304 3.89 -7.29 26.21
CA ASN B 304 2.76 -6.78 26.98
C ASN B 304 2.32 -5.41 26.48
N ASP B 305 3.28 -4.55 26.11
CA ASP B 305 2.93 -3.29 25.47
C ASP B 305 2.23 -3.53 24.14
N VAL B 306 2.75 -4.47 23.35
CA VAL B 306 2.13 -4.78 22.06
C VAL B 306 0.71 -5.28 22.26
N MET B 307 0.48 -6.10 23.27
CA MET B 307 -0.86 -6.64 23.54
C MET B 307 -1.87 -5.53 23.76
N LYS B 308 -1.52 -4.51 24.56
CA LYS B 308 -2.42 -3.37 24.73
C LYS B 308 -2.60 -2.60 23.42
N CYS B 309 -1.52 -2.42 22.67
CA CYS B 309 -1.64 -1.68 21.42
C CYS B 309 -2.60 -2.38 20.47
N VAL B 310 -2.53 -3.71 20.40
CA VAL B 310 -3.30 -4.44 19.40
C VAL B 310 -4.79 -4.41 19.73
N GLU B 311 -5.13 -4.65 20.99
CA GLU B 311 -6.54 -4.61 21.38
C GLU B 311 -7.11 -3.19 21.34
N ASN B 312 -6.31 -2.17 21.65
CA ASN B 312 -6.81 -0.80 21.58
C ASN B 312 -7.04 -0.37 20.13
N LEU B 313 -6.17 -0.82 19.22
CA LEU B 313 -6.36 -0.56 17.80
C LEU B 313 -7.69 -1.14 17.32
N VAL B 314 -7.94 -2.42 17.62
CA VAL B 314 -9.14 -3.06 17.12
C VAL B 314 -10.38 -2.47 17.78
N GLU B 315 -10.32 -2.20 19.08
CA GLU B 315 -11.45 -1.57 19.76
C GLU B 315 -11.75 -0.20 19.15
N TYR B 316 -10.70 0.57 18.82
CA TYR B 316 -10.88 1.88 18.22
C TYR B 316 -11.55 1.79 16.85
N ILE B 317 -11.18 0.78 16.05
CA ILE B 317 -11.80 0.61 14.73
C ILE B 317 -13.28 0.26 14.89
N VAL B 318 -13.58 -0.69 15.79
CA VAL B 318 -14.95 -1.14 15.98
C VAL B 318 -15.84 0.01 16.45
N ARG B 319 -15.31 0.84 17.35
CA ARG B 319 -16.08 1.99 17.83
C ARG B 319 -16.36 2.98 16.71
N ALA B 320 -15.36 3.27 15.88
CA ALA B 320 -15.55 4.22 14.79
C ALA B 320 -16.59 3.73 13.79
N LEU B 321 -16.70 2.42 13.61
CA LEU B 321 -17.62 1.84 12.64
C LEU B 321 -19.01 1.60 13.19
N ASN B 322 -19.19 1.55 14.51
CA ASN B 322 -20.45 1.11 15.09
C ASN B 322 -20.97 2.09 16.12
N ASN B 323 -20.80 3.39 15.85
CA ASN B 323 -21.34 4.46 16.70
C ASN B 323 -20.96 4.26 18.16
N GLY B 324 -19.66 4.09 18.40
CA GLY B 324 -19.14 3.95 19.75
C GLY B 324 -19.38 2.61 20.40
N GLU B 325 -20.26 1.77 19.86
CA GLU B 325 -20.44 0.42 20.39
C GLU B 325 -19.23 -0.44 20.04
N THR B 326 -18.96 -1.43 20.90
CA THR B 326 -17.85 -2.34 20.73
C THR B 326 -18.30 -3.75 20.37
N GLN B 327 -19.59 -3.99 20.28
CA GLN B 327 -20.13 -5.31 19.98
C GLN B 327 -20.48 -5.43 18.50
N VAL B 328 -20.24 -6.62 17.96
CA VAL B 328 -20.39 -6.90 16.54
C VAL B 328 -21.05 -8.26 16.37
N GLN B 329 -21.99 -8.36 15.44
CA GLN B 329 -22.63 -9.64 15.14
C GLN B 329 -21.90 -10.31 13.98
N TYR B 330 -21.65 -11.62 14.13
CA TYR B 330 -21.05 -12.43 13.07
C TYR B 330 -21.92 -13.67 12.87
N SER B 331 -22.32 -13.91 11.63
CA SER B 331 -23.45 -14.81 11.35
C SER B 331 -23.04 -16.17 10.79
N HIS B 332 -21.78 -16.38 10.43
CA HIS B 332 -21.42 -17.49 9.55
C HIS B 332 -20.69 -18.64 10.24
N LEU B 333 -20.59 -18.64 11.57
CA LEU B 333 -20.03 -19.79 12.24
C LEU B 333 -20.99 -20.97 12.14
N LYS B 334 -20.42 -22.18 12.13
CA LYS B 334 -21.25 -23.38 12.13
C LYS B 334 -22.07 -23.47 13.41
N SER B 335 -21.55 -22.93 14.51
CA SER B 335 -22.26 -22.93 15.79
C SER B 335 -23.43 -21.94 15.83
N GLY B 336 -23.71 -21.22 14.76
CA GLY B 336 -24.79 -20.27 14.75
C GLY B 336 -24.30 -18.84 14.89
N PRO B 337 -25.20 -17.88 14.72
CA PRO B 337 -24.80 -16.47 14.82
C PRO B 337 -24.32 -16.13 16.23
N GLN B 338 -23.31 -15.27 16.28
CA GLN B 338 -22.66 -14.90 17.52
C GLN B 338 -22.61 -13.39 17.65
N VAL B 339 -22.41 -12.93 18.88
CA VAL B 339 -22.02 -11.56 19.18
C VAL B 339 -20.66 -11.62 19.87
N VAL B 340 -19.70 -10.87 19.35
CA VAL B 340 -18.38 -10.75 19.98
C VAL B 340 -18.18 -9.31 20.41
N ASP B 341 -17.65 -9.14 21.61
CA ASP B 341 -17.39 -7.81 22.16
C ASP B 341 -15.89 -7.55 22.08
N PHE B 342 -15.52 -6.55 21.28
CA PHE B 342 -14.13 -6.18 21.10
C PHE B 342 -13.64 -5.17 22.13
N LYS B 343 -14.41 -4.94 23.19
CA LYS B 343 -13.99 -4.05 24.25
C LYS B 343 -12.69 -4.53 24.88
N ALA B 344 -11.80 -3.58 25.16
CA ALA B 344 -10.52 -3.89 25.81
C ALA B 344 -10.67 -3.81 27.33
N PRO B 345 -9.93 -4.64 28.09
CA PRO B 345 -8.95 -5.61 27.59
C PRO B 345 -9.58 -6.94 27.19
N TRP B 346 -8.95 -7.63 26.25
CA TRP B 346 -9.41 -8.94 25.83
C TRP B 346 -8.97 -10.01 26.83
N ILE B 347 -9.65 -11.15 26.76
CA ILE B 347 -9.25 -12.29 27.59
C ILE B 347 -7.79 -12.63 27.34
N ARG B 348 -7.04 -12.82 28.41
CA ARG B 348 -5.63 -13.10 28.35
C ARG B 348 -5.38 -14.43 29.04
N MET B 349 -4.74 -15.37 28.32
CA MET B 349 -4.46 -16.70 28.83
C MET B 349 -3.15 -17.20 28.24
N THR B 350 -2.41 -17.99 29.01
CA THR B 350 -1.30 -18.70 28.40
C THR B 350 -1.82 -19.88 27.59
N MET B 351 -0.94 -20.43 26.74
CA MET B 351 -1.32 -21.59 25.95
C MET B 351 -1.63 -22.78 26.85
N LYS B 352 -0.75 -23.05 27.82
CA LYS B 352 -0.99 -24.15 28.75
C LYS B 352 -2.31 -23.97 29.48
N GLU B 353 -2.62 -22.74 29.89
CA GLU B 353 -3.91 -22.48 30.54
C GLU B 353 -5.07 -22.73 29.57
N SER B 354 -4.95 -22.26 28.32
CA SER B 354 -6.06 -22.42 27.38
C SER B 354 -6.35 -23.89 27.11
N ILE B 355 -5.33 -24.75 27.22
CA ILE B 355 -5.57 -26.17 26.99
C ILE B 355 -6.33 -26.79 28.16
N SER B 356 -6.07 -26.32 29.39
CA SER B 356 -6.86 -26.79 30.52
C SER B 356 -8.31 -26.29 30.42
N VAL B 357 -8.49 -24.99 30.20
CA VAL B 357 -9.83 -24.40 30.27
C VAL B 357 -10.71 -24.88 29.11
N TYR B 358 -10.16 -24.92 27.90
CA TYR B 358 -10.97 -25.26 26.75
C TYR B 358 -10.80 -26.70 26.29
N GLY B 359 -9.60 -27.26 26.41
CA GLY B 359 -9.39 -28.65 26.09
C GLY B 359 -9.60 -29.61 27.24
N GLY B 360 -9.74 -29.11 28.47
CA GLY B 360 -9.95 -29.97 29.62
C GLY B 360 -8.75 -30.83 29.99
N VAL B 361 -7.54 -30.37 29.69
CA VAL B 361 -6.33 -31.14 29.90
C VAL B 361 -5.30 -30.25 30.58
N ASP B 362 -4.93 -30.59 31.81
CA ASP B 362 -3.84 -29.89 32.50
C ASP B 362 -2.53 -30.45 31.96
N VAL B 363 -1.88 -29.70 31.08
CA VAL B 363 -0.74 -30.20 30.32
C VAL B 363 0.42 -30.62 31.23
N ASP B 364 0.60 -29.93 32.35
CA ASP B 364 1.77 -30.19 33.18
C ASP B 364 1.62 -31.41 34.07
N LEU B 365 0.43 -32.00 34.15
CA LEU B 365 0.22 -33.22 34.92
C LEU B 365 0.42 -34.48 34.10
N HIS B 366 0.82 -34.36 32.82
CA HIS B 366 0.97 -35.50 31.93
C HIS B 366 2.40 -35.60 31.42
N ALA B 367 2.85 -36.83 31.22
CA ALA B 367 4.19 -37.09 30.70
C ALA B 367 4.19 -36.95 29.18
N ASP B 368 5.40 -36.95 28.62
CA ASP B 368 5.57 -36.77 27.18
C ASP B 368 4.79 -37.82 26.40
N HIS B 369 5.03 -39.11 26.71
CA HIS B 369 4.31 -40.19 26.04
C HIS B 369 2.81 -40.15 26.35
N GLU B 370 2.44 -39.68 27.55
CA GLU B 370 1.02 -39.61 27.89
C GLU B 370 0.28 -38.59 27.03
N LEU B 371 0.92 -37.45 26.75
CA LEU B 371 0.29 -36.46 25.89
C LEU B 371 0.01 -37.02 24.51
N ARG B 372 0.84 -37.94 24.03
CA ARG B 372 0.63 -38.54 22.71
C ARG B 372 -0.64 -39.39 22.68
N LYS B 373 -0.92 -40.12 23.77
CA LYS B 373 -2.13 -40.93 23.82
C LYS B 373 -3.38 -40.05 23.76
N ILE B 374 -3.33 -38.88 24.41
CA ILE B 374 -4.46 -37.96 24.37
C ILE B 374 -4.72 -37.50 22.94
N LEU B 375 -3.66 -37.27 22.17
CA LEU B 375 -3.82 -36.83 20.78
C LEU B 375 -4.58 -37.85 19.96
N GLU B 376 -4.09 -39.10 19.93
CA GLU B 376 -4.72 -40.13 19.12
C GLU B 376 -6.18 -40.33 19.51
N THR B 377 -6.47 -40.35 20.82
CA THR B 377 -7.82 -40.64 21.28
C THR B 377 -8.76 -39.47 21.09
N GLN B 378 -8.34 -38.24 21.42
CA GLN B 378 -9.23 -37.11 21.42
C GLN B 378 -9.20 -36.28 20.15
N THR B 379 -8.24 -36.52 19.25
CA THR B 379 -8.14 -35.78 18.00
C THR B 379 -8.15 -36.75 16.82
N SER B 380 -8.14 -36.18 15.62
CA SER B 380 -8.06 -36.93 14.37
C SER B 380 -6.72 -36.73 13.66
N LEU B 381 -5.72 -36.20 14.36
CA LEU B 381 -4.43 -35.95 13.74
C LEU B 381 -3.76 -37.26 13.36
N PRO B 382 -3.00 -37.28 12.27
CA PRO B 382 -2.27 -38.50 11.91
C PRO B 382 -1.21 -38.84 12.95
N GLU B 383 -1.00 -40.14 13.13
CA GLU B 383 -0.03 -40.60 14.12
C GLU B 383 1.36 -40.03 13.86
N LYS B 384 1.70 -39.80 12.58
CA LYS B 384 3.04 -39.31 12.24
C LYS B 384 3.29 -37.91 12.76
N THR B 385 2.23 -37.10 12.92
CA THR B 385 2.41 -35.73 13.41
C THR B 385 2.95 -35.72 14.83
N TYR B 386 2.51 -36.66 15.67
CA TYR B 386 2.85 -36.66 17.09
C TYR B 386 3.75 -37.82 17.50
N VAL B 387 4.13 -38.69 16.55
CA VAL B 387 4.86 -39.90 16.91
C VAL B 387 6.24 -39.56 17.46
N HIS B 388 6.91 -38.57 16.89
CA HIS B 388 8.26 -38.22 17.33
C HIS B 388 8.40 -36.70 17.47
N ALA B 389 7.37 -36.05 18.00
CA ALA B 389 7.41 -34.61 18.25
C ALA B 389 7.92 -34.32 19.65
N SER B 390 8.65 -33.21 19.78
CA SER B 390 9.14 -32.78 21.08
C SER B 390 7.98 -32.29 21.96
N ARG B 391 8.27 -32.10 23.24
CA ARG B 391 7.21 -31.72 24.19
C ARG B 391 6.56 -30.40 23.79
N GLY B 392 7.37 -29.37 23.54
CA GLY B 392 6.80 -28.10 23.10
C GLY B 392 5.94 -28.23 21.87
N GLU B 393 6.44 -28.97 20.86
CA GLU B 393 5.64 -29.22 19.67
C GLU B 393 4.37 -29.99 20.01
N LEU B 394 4.41 -30.84 21.04
CA LEU B 394 3.21 -31.58 21.42
C LEU B 394 2.18 -30.67 22.06
N ILE B 395 2.63 -29.72 22.88
CA ILE B 395 1.72 -28.75 23.48
C ILE B 395 1.07 -27.89 22.39
N ALA B 396 1.88 -27.41 21.45
CA ALA B 396 1.34 -26.59 20.35
C ALA B 396 0.29 -27.35 19.57
N LEU B 397 0.48 -28.67 19.41
CA LEU B 397 -0.50 -29.47 18.67
C LEU B 397 -1.78 -29.66 19.46
N LEU B 398 -1.67 -29.89 20.77
CA LEU B 398 -2.85 -29.98 21.62
C LEU B 398 -3.67 -28.69 21.58
N PHE B 399 -2.99 -27.54 21.52
CA PHE B 399 -3.70 -26.27 21.37
C PHE B 399 -4.48 -26.23 20.05
N ASP B 400 -3.82 -26.60 18.95
CA ASP B 400 -4.47 -26.53 17.64
C ASP B 400 -5.78 -27.31 17.63
N GLU B 401 -5.77 -28.51 18.23
CA GLU B 401 -6.89 -29.42 18.04
C GLU B 401 -7.97 -29.30 19.11
N LEU B 402 -7.63 -28.92 20.34
CA LEU B 402 -8.60 -28.92 21.42
C LEU B 402 -9.02 -27.53 21.88
N VAL B 403 -8.41 -26.46 21.36
CA VAL B 403 -8.66 -25.13 21.91
C VAL B 403 -9.04 -24.12 20.86
N CYS B 404 -8.23 -24.02 19.80
CA CYS B 404 -8.32 -22.91 18.85
C CYS B 404 -9.75 -22.61 18.41
N ASP B 405 -10.51 -23.67 18.09
CA ASP B 405 -11.87 -23.50 17.57
C ASP B 405 -12.86 -23.01 18.60
N LYS B 406 -12.53 -23.12 19.89
CA LYS B 406 -13.40 -22.60 20.94
C LYS B 406 -13.18 -21.12 21.22
N LEU B 407 -12.17 -20.51 20.59
CA LEU B 407 -11.80 -19.12 20.88
C LEU B 407 -12.66 -18.22 20.02
N ILE B 408 -13.89 -17.99 20.48
CA ILE B 408 -14.84 -17.19 19.73
C ILE B 408 -14.76 -15.71 20.10
N ALA B 409 -14.84 -15.40 21.39
CA ALA B 409 -14.54 -14.07 21.86
C ALA B 409 -13.06 -13.78 21.66
N PRO B 410 -12.66 -12.50 21.59
CA PRO B 410 -11.24 -12.19 21.38
C PRO B 410 -10.37 -12.71 22.52
N HIS B 411 -9.31 -13.44 22.15
CA HIS B 411 -8.35 -13.98 23.10
C HIS B 411 -6.93 -13.58 22.70
N HIS B 412 -6.13 -13.24 23.69
CA HIS B 412 -4.67 -13.26 23.56
C HIS B 412 -4.18 -14.55 24.22
N ILE B 413 -3.47 -15.37 23.44
CA ILE B 413 -2.87 -16.60 23.95
C ILE B 413 -1.37 -16.37 24.06
N THR B 414 -0.83 -16.53 25.26
CA THR B 414 0.54 -16.12 25.54
C THR B 414 1.45 -17.30 25.82
N ASP B 415 2.74 -17.05 25.71
CA ASP B 415 3.80 -17.94 26.20
C ASP B 415 3.75 -19.28 25.46
N HIS B 416 4.24 -19.23 24.25
CA HIS B 416 4.25 -20.38 23.39
C HIS B 416 5.55 -21.16 23.55
N PRO B 417 5.55 -22.45 23.23
CA PRO B 417 6.80 -23.20 23.26
C PRO B 417 7.83 -22.61 22.32
N LEU B 418 9.09 -22.71 22.73
CA LEU B 418 10.20 -22.16 21.96
C LEU B 418 10.20 -22.68 20.52
N GLU B 419 9.71 -23.90 20.30
CA GLU B 419 9.68 -24.47 18.96
C GLU B 419 8.84 -23.64 17.98
N THR B 420 7.89 -22.84 18.48
CA THR B 420 6.95 -22.21 17.56
C THR B 420 7.57 -21.06 16.76
N THR B 421 8.71 -20.52 17.17
CA THR B 421 9.34 -19.44 16.40
C THR B 421 10.79 -19.27 16.85
N PRO B 422 11.68 -18.88 15.94
CA PRO B 422 13.07 -18.55 16.31
C PRO B 422 13.37 -17.07 16.48
N LEU B 423 12.37 -16.18 16.51
CA LEU B 423 12.60 -14.75 16.47
C LEU B 423 12.13 -14.03 17.74
N CYS B 424 11.85 -14.77 18.79
CA CYS B 424 11.24 -14.23 20.00
C CYS B 424 12.11 -14.54 21.20
N LYS B 425 12.20 -13.60 22.14
CA LYS B 425 12.93 -13.84 23.37
C LYS B 425 12.17 -14.83 24.25
N THR B 426 12.91 -15.52 25.12
CA THR B 426 12.25 -16.44 26.04
C THR B 426 11.70 -15.68 27.25
N LEU B 427 10.92 -16.38 28.08
CA LEU B 427 10.32 -15.77 29.26
C LEU B 427 11.39 -15.16 30.16
N ARG B 428 11.19 -13.89 30.53
CA ARG B 428 12.15 -13.18 31.36
C ARG B 428 12.32 -13.82 32.73
N SER B 429 11.40 -14.69 33.14
CA SER B 429 11.55 -15.41 34.40
C SER B 429 12.72 -16.38 34.38
N GLY B 430 13.23 -16.74 33.20
CA GLY B 430 14.27 -17.73 33.07
C GLY B 430 13.81 -19.05 32.51
N ASP B 431 12.50 -19.23 32.30
CA ASP B 431 11.94 -20.42 31.68
C ASP B 431 12.23 -20.36 30.18
N GLU B 432 13.23 -21.14 29.75
CA GLU B 432 13.71 -21.09 28.37
C GLU B 432 12.97 -22.03 27.42
N THR B 433 11.97 -22.77 27.90
CA THR B 433 11.12 -23.59 27.04
C THR B 433 9.91 -22.82 26.51
N LEU B 434 9.71 -21.58 26.94
CA LEU B 434 8.61 -20.76 26.45
C LEU B 434 9.12 -19.41 25.99
N VAL B 435 8.40 -18.80 25.05
CA VAL B 435 8.77 -17.50 24.51
C VAL B 435 7.68 -16.49 24.80
N GLU B 436 8.09 -15.23 24.94
CA GLU B 436 7.15 -14.12 25.17
C GLU B 436 6.46 -13.75 23.85
N ARG B 437 5.69 -14.71 23.36
CA ARG B 437 4.88 -14.56 22.16
C ARG B 437 3.42 -14.51 22.58
N PHE B 438 2.60 -13.80 21.80
CA PHE B 438 1.17 -14.02 21.90
C PHE B 438 0.57 -14.10 20.51
N GLU B 439 -0.52 -14.83 20.40
CA GLU B 439 -1.37 -14.84 19.20
C GLU B 439 -2.78 -14.46 19.63
N SER B 440 -3.40 -13.58 18.85
CA SER B 440 -4.77 -13.17 19.11
C SER B 440 -5.72 -13.99 18.23
N PHE B 441 -6.80 -14.47 18.84
CA PHE B 441 -7.79 -15.29 18.16
C PHE B 441 -9.16 -14.65 18.32
N CYS B 442 -9.97 -14.76 17.27
CA CYS B 442 -11.36 -14.37 17.37
C CYS B 442 -12.14 -15.21 16.36
N LEU B 443 -13.34 -15.65 16.77
CA LEU B 443 -14.20 -16.45 15.90
C LEU B 443 -13.47 -17.69 15.40
N GLY B 444 -12.63 -18.26 16.26
CA GLY B 444 -11.92 -19.49 15.96
C GLY B 444 -10.73 -19.35 15.03
N LYS B 445 -10.42 -18.14 14.57
CA LYS B 445 -9.34 -17.92 13.62
C LYS B 445 -8.27 -17.01 14.22
N GLU B 446 -7.03 -17.21 13.79
CA GLU B 446 -5.92 -16.39 14.27
C GLU B 446 -5.96 -15.01 13.60
N LEU B 447 -5.73 -13.99 14.41
CA LEU B 447 -5.82 -12.61 13.97
C LEU B 447 -4.51 -11.85 14.09
N CYS B 448 -3.68 -12.16 15.09
CA CYS B 448 -2.48 -11.39 15.36
C CYS B 448 -1.36 -12.29 15.86
N ASN B 449 -0.13 -11.97 15.50
CA ASN B 449 1.05 -12.65 16.00
C ASN B 449 2.04 -11.59 16.46
N ALA B 450 2.62 -11.75 17.65
CA ALA B 450 3.42 -10.69 18.25
C ALA B 450 4.47 -11.27 19.19
N TYR B 451 5.62 -10.59 19.26
CA TYR B 451 6.77 -11.01 20.07
C TYR B 451 7.34 -9.87 20.90
N SER B 452 7.99 -10.25 22.00
CA SER B 452 9.11 -9.49 22.58
C SER B 452 10.32 -9.85 21.73
N GLU B 453 10.72 -8.92 20.86
CA GLU B 453 11.57 -9.29 19.73
C GLU B 453 12.95 -9.74 20.19
N LEU B 454 13.49 -10.75 19.50
CA LEU B 454 14.83 -11.24 19.82
C LEU B 454 15.88 -10.34 19.19
N ASN B 455 16.82 -9.83 20.01
CA ASN B 455 17.87 -8.98 19.49
C ASN B 455 19.26 -9.39 20.00
N ASP B 456 19.37 -10.49 20.73
CA ASP B 456 20.64 -11.12 21.05
C ASP B 456 21.19 -11.78 19.81
N PRO B 457 22.25 -11.27 19.17
CA PRO B 457 22.63 -11.79 17.85
C PRO B 457 23.19 -13.21 17.92
N LEU B 458 23.90 -13.54 19.00
CA LEU B 458 24.39 -14.91 19.15
C LEU B 458 23.26 -15.90 19.41
N GLN B 459 22.32 -15.54 20.29
CA GLN B 459 21.17 -16.43 20.50
C GLN B 459 20.32 -16.53 19.24
N GLN B 460 20.21 -15.44 18.49
CA GLN B 460 19.43 -15.45 17.26
C GLN B 460 20.06 -16.39 16.24
N ARG B 461 21.39 -16.36 16.11
CA ARG B 461 22.05 -17.26 15.17
C ARG B 461 21.83 -18.72 15.57
N LYS B 462 22.02 -19.04 16.86
CA LYS B 462 21.82 -20.41 17.32
C LYS B 462 20.42 -20.92 17.01
N LEU B 463 19.40 -20.06 17.16
CA LEU B 463 18.04 -20.50 16.90
C LEU B 463 17.79 -20.72 15.41
N LEU B 464 18.39 -19.89 14.56
CA LEU B 464 18.21 -20.08 13.12
C LEU B 464 19.01 -21.27 12.63
N GLU B 465 20.16 -21.55 13.23
CA GLU B 465 20.93 -22.71 12.84
C GLU B 465 20.23 -24.00 13.28
N GLU B 466 19.65 -23.99 14.48
CA GLU B 466 18.92 -25.16 14.93
C GLU B 466 17.60 -25.35 14.19
N GLN B 467 17.02 -24.27 13.66
CA GLN B 467 15.82 -24.44 12.84
C GLN B 467 16.16 -25.01 11.49
N MET B 468 17.23 -24.50 10.86
CA MET B 468 17.71 -24.97 9.57
C MET B 468 18.14 -26.44 9.61
N ARG B 469 19.24 -26.73 10.30
CA ARG B 469 19.77 -28.09 10.31
C ARG B 469 18.80 -29.06 10.96
N LYS B 470 18.61 -28.92 12.28
CA LYS B 470 17.88 -29.93 13.04
C LYS B 470 16.46 -30.11 12.52
N LYS B 471 15.70 -29.03 12.44
CA LYS B 471 14.29 -29.18 12.13
C LYS B 471 14.05 -29.44 10.66
N ALA B 472 14.73 -28.72 9.77
CA ALA B 472 14.43 -28.78 8.34
C ALA B 472 15.19 -29.89 7.61
N LEU B 473 15.61 -30.96 8.32
CA LEU B 473 16.01 -32.19 7.66
C LEU B 473 14.82 -33.06 7.26
N ASN B 474 13.61 -32.52 7.38
CA ASN B 474 12.43 -33.21 6.89
C ASN B 474 12.41 -33.13 5.37
N PRO B 475 12.19 -34.23 4.67
CA PRO B 475 12.27 -34.21 3.19
C PRO B 475 11.37 -33.19 2.53
N ASP B 476 10.27 -32.79 3.16
CA ASP B 476 9.33 -31.88 2.50
C ASP B 476 9.73 -30.42 2.59
N SER B 477 10.55 -30.04 3.57
CA SER B 477 10.86 -28.63 3.77
C SER B 477 11.79 -28.11 2.68
N GLU B 478 11.50 -26.91 2.19
CA GLU B 478 12.36 -26.25 1.22
C GLU B 478 13.48 -25.55 1.96
N TYR B 479 14.72 -25.82 1.54
CA TYR B 479 15.89 -25.30 2.24
C TYR B 479 16.00 -23.79 2.06
N HIS B 480 16.00 -23.06 3.18
CA HIS B 480 16.34 -21.64 3.16
C HIS B 480 17.67 -21.44 3.88
N PRO B 481 18.63 -20.78 3.26
CA PRO B 481 19.91 -20.52 3.94
C PRO B 481 19.78 -19.43 5.00
N ILE B 482 20.75 -19.44 5.93
CA ILE B 482 20.70 -18.50 7.06
C ILE B 482 20.84 -17.08 6.55
N ASP B 483 19.90 -16.21 6.95
CA ASP B 483 19.94 -14.81 6.55
C ASP B 483 21.06 -14.03 7.25
N GLU B 484 22.23 -13.96 6.62
CA GLU B 484 23.41 -13.38 7.26
C GLU B 484 23.35 -11.86 7.31
N GLU B 485 22.68 -11.21 6.36
CA GLU B 485 22.52 -9.77 6.46
C GLU B 485 21.71 -9.41 7.69
N PHE B 486 20.72 -10.24 8.03
CA PHE B 486 19.91 -9.98 9.21
C PHE B 486 20.74 -10.14 10.49
N LEU B 487 21.57 -11.18 10.57
CA LEU B 487 22.44 -11.33 11.73
C LEU B 487 23.44 -10.17 11.82
N GLU B 488 23.92 -9.69 10.68
CA GLU B 488 24.86 -8.57 10.71
C GLU B 488 24.18 -7.31 11.23
N ALA B 489 22.94 -7.08 10.80
CA ALA B 489 22.17 -5.94 11.32
C ALA B 489 21.99 -6.05 12.82
N LEU B 490 21.69 -7.25 13.31
CA LEU B 490 21.54 -7.41 14.77
C LEU B 490 22.84 -7.13 15.49
N CYS B 491 23.98 -7.46 14.86
CA CYS B 491 25.28 -7.14 15.46
C CYS B 491 25.48 -5.64 15.55
N GLN B 492 25.03 -4.90 14.54
CA GLN B 492 25.04 -3.44 14.62
C GLN B 492 24.25 -2.97 15.83
N GLY B 493 23.16 -3.68 16.15
CA GLY B 493 22.42 -3.41 17.37
C GLY B 493 20.98 -3.03 17.13
N MET B 494 20.07 -3.95 17.44
CA MET B 494 18.65 -3.63 17.41
C MET B 494 18.17 -3.35 18.82
N PRO B 495 17.44 -2.27 19.03
CA PRO B 495 16.91 -2.00 20.36
C PRO B 495 15.97 -3.11 20.80
N PRO B 496 15.75 -3.28 22.09
CA PRO B 496 14.63 -4.12 22.52
C PRO B 496 13.38 -3.57 21.88
N ALA B 497 12.48 -4.46 21.47
CA ALA B 497 11.32 -3.99 20.73
C ALA B 497 10.18 -4.99 20.90
N GLY B 498 8.97 -4.47 20.73
CA GLY B 498 7.78 -5.30 20.57
C GLY B 498 7.17 -5.04 19.22
N GLY B 499 6.74 -6.10 18.56
CA GLY B 499 6.18 -6.01 17.23
C GLY B 499 5.00 -6.96 17.09
N PHE B 500 4.11 -6.63 16.14
CA PHE B 500 2.96 -7.47 15.88
C PHE B 500 2.67 -7.50 14.39
N GLY B 501 1.96 -8.54 13.97
CA GLY B 501 1.42 -8.61 12.63
C GLY B 501 -0.04 -8.98 12.69
N ILE B 502 -0.84 -8.33 11.85
CA ILE B 502 -2.27 -8.58 11.82
C ILE B 502 -2.68 -8.89 10.39
N GLY B 503 -3.44 -9.98 10.22
CA GLY B 503 -4.07 -10.25 8.94
C GLY B 503 -5.25 -9.33 8.72
N ILE B 504 -5.05 -8.31 7.89
CA ILE B 504 -6.06 -7.26 7.76
C ILE B 504 -7.32 -7.80 7.08
N ASP B 505 -7.16 -8.70 6.11
CA ASP B 505 -8.32 -9.28 5.44
C ASP B 505 -9.22 -10.02 6.43
N ARG B 506 -8.61 -10.78 7.36
CA ARG B 506 -9.40 -11.48 8.37
C ARG B 506 -10.08 -10.52 9.33
N LEU B 507 -9.40 -9.42 9.69
CA LEU B 507 -10.05 -8.41 10.52
C LEU B 507 -11.26 -7.83 9.80
N VAL B 508 -11.10 -7.46 8.53
CA VAL B 508 -12.21 -6.92 7.77
C VAL B 508 -13.38 -7.91 7.73
N MET B 509 -13.08 -9.20 7.59
CA MET B 509 -14.12 -10.23 7.63
C MET B 509 -14.92 -10.16 8.92
N MET B 510 -14.25 -10.02 10.05
CA MET B 510 -14.96 -10.05 11.33
C MET B 510 -15.83 -8.82 11.52
N LEU B 511 -15.45 -7.70 10.89
CA LEU B 511 -16.15 -6.44 11.10
C LEU B 511 -17.19 -6.14 10.03
N THR B 512 -17.30 -6.99 9.00
CA THR B 512 -18.25 -6.79 7.93
C THR B 512 -19.17 -8.00 7.76
N ASP B 513 -19.11 -8.96 8.69
CA ASP B 513 -19.94 -10.16 8.64
C ASP B 513 -19.78 -10.89 7.31
N ALA B 514 -18.52 -11.05 6.89
CA ALA B 514 -18.20 -11.73 5.64
C ALA B 514 -17.94 -13.20 5.91
N ALA B 515 -18.63 -14.08 5.16
CA ALA B 515 -18.45 -15.51 5.41
C ALA B 515 -17.08 -15.99 4.95
N SER B 516 -16.51 -15.34 3.94
CA SER B 516 -15.27 -15.79 3.32
C SER B 516 -14.36 -14.60 3.02
N ILE B 517 -13.05 -14.87 3.01
CA ILE B 517 -12.09 -13.86 2.57
C ILE B 517 -12.33 -13.45 1.13
N ARG B 518 -12.96 -14.32 0.31
CA ARG B 518 -13.31 -13.93 -1.04
C ARG B 518 -14.29 -12.75 -1.05
N ASP B 519 -15.03 -12.55 0.03
CA ASP B 519 -15.98 -11.45 0.14
C ASP B 519 -15.36 -10.11 0.54
N VAL B 520 -14.09 -10.08 0.92
CA VAL B 520 -13.43 -8.82 1.29
C VAL B 520 -12.29 -8.48 0.33
N LEU B 521 -12.14 -9.25 -0.75
CA LEU B 521 -11.19 -8.97 -1.81
C LEU B 521 -11.98 -8.69 -3.08
N PHE B 522 -11.65 -7.59 -3.75
CA PHE B 522 -12.35 -7.30 -5.01
C PHE B 522 -12.20 -8.46 -5.99
N PHE B 523 -10.99 -9.01 -6.10
CA PHE B 523 -10.66 -10.03 -7.08
C PHE B 523 -9.86 -11.15 -6.41
N PRO B 524 -10.53 -12.04 -5.70
CA PRO B 524 -9.83 -13.15 -5.06
C PRO B 524 -9.30 -14.14 -6.08
N VAL B 525 -8.29 -14.92 -5.65
CA VAL B 525 -7.75 -15.96 -6.51
C VAL B 525 -8.85 -16.98 -6.83
N MET B 526 -8.98 -17.31 -8.13
CA MET B 526 -10.08 -18.13 -8.65
C MET B 526 -9.54 -19.14 -9.65
N ARG B 527 -10.12 -20.33 -9.65
CA ARG B 527 -9.78 -21.36 -10.63
C ARG B 527 -10.20 -20.94 -12.04
N ARG B 528 -9.47 -21.44 -13.03
CA ARG B 528 -9.73 -21.17 -14.45
C ARG B 528 -11.17 -21.47 -14.85
#